data_4RHT
#
_entry.id   4RHT
#
_cell.length_a   56.417
_cell.length_b   85.580
_cell.length_c   156.644
_cell.angle_alpha   90.00
_cell.angle_beta   90.00
_cell.angle_gamma   90.00
#
_symmetry.space_group_name_H-M   'P 21 21 21'
#
loop_
_entity.id
_entity.type
_entity.pdbx_description
1 polymer 'Hypoxanthine-guanine phosphoribosyltransferase Hpt'
2 non-polymer 'PYROPHOSPHATE 2-'
3 non-polymer "GUANOSINE-5'-MONOPHOSPHATE"
4 non-polymer 'MAGNESIUM ION'
5 water water
#
_entity_poly.entity_id   1
_entity_poly.type   'polypeptide(L)'
_entity_poly.pdbx_seq_one_letter_code
;HVTQSSSAITPGQTAELYPGDIKSVLLTAEQIQARIAELGEQIGNDYRELSATTGQDLLLITVLKGAVLFVTDLARAIPV
PTQFEFMAVSSYGSSTSSSGVVRILKDLDRDIHGRDVLIVEDVVDSGLTLSWLSRNLTSRNPRSLRVCTLLRKPDAVHAN
VEIAYVGFDIPNDFVVGYGLDYDERYRDLSYIGTLDPRVYQ
;
_entity_poly.pdbx_strand_id   A,B,C,D
#
loop_
_chem_comp.id
_chem_comp.type
_chem_comp.name
_chem_comp.formula
5GP non-polymer GUANOSINE-5'-MONOPHOSPHATE 'C10 H14 N5 O8 P'
MG non-polymer 'MAGNESIUM ION' 'Mg 2'
POP non-polymer 'PYROPHOSPHATE 2-' 'H2 O7 P2 -2'
#
# COMPACT_ATOMS: atom_id res chain seq x y z
N ASP A 21 -5.70 30.13 19.78
CA ASP A 21 -5.47 29.43 18.52
C ASP A 21 -6.79 29.14 17.82
N ILE A 22 -7.80 28.72 18.58
CA ILE A 22 -9.14 28.55 18.04
C ILE A 22 -9.93 29.85 18.23
N LYS A 23 -10.22 30.51 17.12
CA LYS A 23 -10.88 31.82 17.16
C LYS A 23 -12.30 31.74 17.72
N SER A 24 -13.08 30.81 17.17
CA SER A 24 -14.47 30.66 17.59
C SER A 24 -14.95 29.23 17.38
N VAL A 25 -15.97 28.83 18.14
CA VAL A 25 -16.55 27.51 18.02
C VAL A 25 -17.73 27.52 17.05
N LEU A 26 -17.55 26.90 15.89
CA LEU A 26 -18.59 26.86 14.88
C LEU A 26 -19.70 25.90 15.26
N LEU A 27 -19.34 24.75 15.82
CA LEU A 27 -20.30 23.74 16.25
C LEU A 27 -19.80 23.04 17.51
N THR A 28 -20.59 23.08 18.57
CA THR A 28 -20.22 22.46 19.83
C THR A 28 -20.29 20.93 19.75
N ALA A 29 -19.72 20.26 20.74
CA ALA A 29 -19.75 18.80 20.77
C ALA A 29 -21.17 18.25 20.83
N GLU A 30 -22.00 18.84 21.69
CA GLU A 30 -23.38 18.38 21.86
C GLU A 30 -24.20 18.59 20.58
N GLN A 31 -24.01 19.74 19.93
CA GLN A 31 -24.68 20.01 18.67
C GLN A 31 -24.28 18.99 17.59
N ILE A 32 -23.00 18.67 17.51
CA ILE A 32 -22.51 17.66 16.57
C ILE A 32 -23.11 16.28 16.87
N GLN A 33 -23.12 15.91 18.15
CA GLN A 33 -23.65 14.61 18.55
C GLN A 33 -25.15 14.50 18.34
N ALA A 34 -25.86 15.60 18.53
CA ALA A 34 -27.30 15.58 18.32
C ALA A 34 -27.63 15.43 16.82
N ARG A 35 -26.82 16.07 15.98
CA ARG A 35 -27.02 16.01 14.53
C ARG A 35 -26.76 14.60 13.99
N ILE A 36 -25.74 13.94 14.51
CA ILE A 36 -25.40 12.58 14.08
C ILE A 36 -26.48 11.61 14.56
N ALA A 37 -27.02 11.87 15.74
CA ALA A 37 -28.15 11.08 16.26
C ALA A 37 -29.33 11.12 15.29
N GLU A 38 -29.57 12.28 14.69
CA GLU A 38 -30.62 12.43 13.70
C GLU A 38 -30.26 11.73 12.40
N LEU A 39 -29.02 11.91 11.96
CA LEU A 39 -28.54 11.28 10.72
C LEU A 39 -28.65 9.76 10.79
N GLY A 40 -28.29 9.20 11.95
CA GLY A 40 -28.33 7.76 12.15
C GLY A 40 -29.69 7.16 11.85
N GLU A 41 -30.75 7.77 12.41
CA GLU A 41 -32.10 7.26 12.23
C GLU A 41 -32.57 7.45 10.79
N GLN A 42 -32.21 8.59 10.20
CA GLN A 42 -32.59 8.91 8.83
C GLN A 42 -31.97 7.89 7.87
N ILE A 43 -30.70 7.59 8.09
CA ILE A 43 -29.99 6.60 7.30
C ILE A 43 -30.56 5.21 7.56
N GLY A 44 -30.84 4.93 8.83
CA GLY A 44 -31.38 3.64 9.22
C GLY A 44 -32.72 3.32 8.60
N ASN A 45 -33.61 4.31 8.59
CA ASN A 45 -34.95 4.13 8.03
C ASN A 45 -34.93 3.81 6.54
N ASP A 46 -33.99 4.41 5.81
CA ASP A 46 -33.89 4.22 4.37
C ASP A 46 -33.36 2.83 4.01
N TYR A 47 -32.41 2.33 4.79
CA TYR A 47 -31.79 1.04 4.51
C TYR A 47 -32.45 -0.10 5.29
N ARG A 48 -33.56 0.19 5.94
CA ARG A 48 -34.28 -0.82 6.70
C ARG A 48 -35.20 -1.63 5.79
N GLY A 55 -29.91 -9.34 2.14
CA GLY A 55 -29.80 -9.74 3.53
C GLY A 55 -28.39 -9.56 4.08
N GLN A 56 -27.71 -8.49 3.67
CA GLN A 56 -26.37 -8.21 4.15
C GLN A 56 -26.30 -6.85 4.82
N ASP A 57 -25.18 -6.57 5.49
CA ASP A 57 -25.05 -5.34 6.26
C ASP A 57 -24.70 -4.14 5.40
N LEU A 58 -25.11 -2.96 5.84
CA LEU A 58 -24.76 -1.70 5.18
C LEU A 58 -23.28 -1.43 5.35
N LEU A 59 -22.62 -1.03 4.27
CA LEU A 59 -21.17 -0.82 4.27
C LEU A 59 -20.79 0.65 4.32
N LEU A 60 -20.15 1.06 5.42
CA LEU A 60 -19.62 2.41 5.53
C LEU A 60 -18.17 2.42 5.06
N ILE A 61 -17.89 3.20 4.02
CA ILE A 61 -16.55 3.30 3.47
C ILE A 61 -15.99 4.70 3.65
N THR A 62 -14.86 4.79 4.35
CA THR A 62 -14.27 6.07 4.71
C THR A 62 -12.82 6.17 4.22
N VAL A 63 -12.41 7.36 3.79
CA VAL A 63 -11.03 7.61 3.42
C VAL A 63 -10.28 8.25 4.59
N LEU A 64 -9.16 7.63 4.97
CA LEU A 64 -8.36 8.13 6.09
C LEU A 64 -7.84 9.54 5.83
N LYS A 65 -7.88 10.41 6.84
CA LYS A 65 -8.37 10.03 8.18
C LYS A 65 -9.16 11.16 8.83
N GLY A 66 -9.73 12.03 8.02
CA GLY A 66 -10.48 13.17 8.54
C GLY A 66 -11.85 12.81 9.07
N ALA A 67 -12.32 11.61 8.74
CA ALA A 67 -13.67 11.21 9.10
C ALA A 67 -13.74 9.94 9.93
N VAL A 68 -12.67 9.63 10.66
CA VAL A 68 -12.69 8.44 11.51
C VAL A 68 -13.54 8.66 12.76
N LEU A 69 -13.41 9.83 13.37
CA LEU A 69 -14.26 10.17 14.51
C LEU A 69 -15.73 10.22 14.08
N PHE A 70 -15.96 10.74 12.88
CA PHE A 70 -17.32 10.88 12.38
C PHE A 70 -17.94 9.53 12.07
N VAL A 71 -17.17 8.63 11.46
CA VAL A 71 -17.71 7.34 11.07
C VAL A 71 -17.90 6.44 12.30
N THR A 72 -17.05 6.61 13.32
CA THR A 72 -17.19 5.83 14.54
C THR A 72 -18.45 6.21 15.31
N ASP A 73 -18.80 7.49 15.26
CA ASP A 73 -20.02 7.96 15.90
C ASP A 73 -21.24 7.66 15.04
N LEU A 74 -21.11 7.81 13.73
CA LEU A 74 -22.22 7.61 12.81
C LEU A 74 -22.72 6.16 12.81
N ALA A 75 -21.78 5.21 12.80
CA ALA A 75 -22.13 3.79 12.81
C ALA A 75 -22.90 3.40 14.07
N ARG A 76 -22.52 3.96 15.21
CA ARG A 76 -23.23 3.71 16.46
C ARG A 76 -24.59 4.41 16.45
N ALA A 77 -24.72 5.46 15.65
CA ALA A 77 -25.97 6.20 15.55
C ALA A 77 -26.96 5.50 14.62
N ILE A 78 -26.44 4.68 13.71
CA ILE A 78 -27.28 3.95 12.77
C ILE A 78 -27.88 2.71 13.42
N PRO A 79 -29.22 2.69 13.56
CA PRO A 79 -29.92 1.60 14.26
C PRO A 79 -30.03 0.31 13.46
N VAL A 80 -29.31 0.19 12.36
CA VAL A 80 -29.23 -1.07 11.63
C VAL A 80 -27.76 -1.52 11.60
N PRO A 81 -27.53 -2.85 11.47
CA PRO A 81 -26.15 -3.36 11.44
C PRO A 81 -25.31 -2.74 10.33
N THR A 82 -24.10 -2.30 10.69
CA THR A 82 -23.21 -1.61 9.75
C THR A 82 -21.79 -2.16 9.83
N GLN A 83 -21.06 -2.09 8.72
CA GLN A 83 -19.68 -2.58 8.66
C GLN A 83 -18.72 -1.49 8.19
N PHE A 84 -17.45 -1.62 8.59
CA PHE A 84 -16.46 -0.61 8.26
C PHE A 84 -15.49 -1.06 7.15
N GLU A 85 -15.12 -0.13 6.29
CA GLU A 85 -14.06 -0.34 5.31
C GLU A 85 -13.30 0.96 5.13
N PHE A 86 -11.97 0.89 5.19
CA PHE A 86 -11.13 2.08 5.10
C PHE A 86 -10.31 2.10 3.82
N MET A 87 -9.99 3.30 3.36
CA MET A 87 -9.12 3.50 2.22
C MET A 87 -8.11 4.60 2.51
N ALA A 88 -6.93 4.49 1.90
CA ALA A 88 -5.92 5.53 2.03
C ALA A 88 -5.42 5.98 0.66
N VAL A 89 -5.63 7.25 0.36
CA VAL A 89 -5.23 7.80 -0.93
C VAL A 89 -4.21 8.91 -0.76
N SER A 90 -3.58 9.29 -1.87
CA SER A 90 -2.57 10.33 -1.86
C SER A 90 -2.66 11.10 -3.16
N SER A 91 -2.26 12.37 -3.12
CA SER A 91 -2.30 13.21 -4.31
C SER A 91 -1.13 12.90 -5.24
N TYR A 92 -1.31 13.21 -6.52
CA TYR A 92 -0.25 13.05 -7.51
C TYR A 92 0.49 14.36 -7.72
N GLY A 93 1.61 14.52 -7.01
CA GLY A 93 2.40 15.72 -7.10
C GLY A 93 3.82 15.54 -6.57
N GLY A 100 -7.80 15.65 -9.08
CA GLY A 100 -8.84 14.88 -9.74
C GLY A 100 -8.56 13.39 -9.73
N VAL A 101 -7.28 13.04 -9.64
CA VAL A 101 -6.88 11.64 -9.60
C VAL A 101 -5.93 11.41 -8.42
N VAL A 102 -6.14 10.31 -7.70
CA VAL A 102 -5.35 10.01 -6.51
C VAL A 102 -4.66 8.65 -6.58
N ARG A 103 -3.57 8.54 -5.84
CA ARG A 103 -2.81 7.30 -5.75
C ARG A 103 -3.34 6.48 -4.57
N ILE A 104 -3.61 5.20 -4.81
CA ILE A 104 -4.11 4.33 -3.75
C ILE A 104 -2.97 3.75 -2.91
N LEU A 105 -2.90 4.14 -1.64
CA LEU A 105 -1.92 3.57 -0.71
C LEU A 105 -2.48 2.40 0.06
N LYS A 106 -3.81 2.32 0.14
CA LYS A 106 -4.49 1.24 0.84
C LYS A 106 -5.91 1.07 0.30
N ASP A 107 -6.16 -0.08 -0.32
CA ASP A 107 -7.43 -0.37 -0.95
C ASP A 107 -8.37 -1.07 0.03
N LEU A 108 -9.60 -1.35 -0.42
CA LEU A 108 -10.55 -2.10 0.38
C LEU A 108 -10.09 -3.56 0.57
N ASP A 109 -10.47 -4.15 1.70
CA ASP A 109 -10.09 -5.54 1.99
C ASP A 109 -11.17 -6.52 1.56
N ARG A 110 -12.29 -5.99 1.06
CA ARG A 110 -13.41 -6.83 0.67
C ARG A 110 -13.98 -6.44 -0.68
N ASP A 111 -14.56 -7.41 -1.39
CA ASP A 111 -15.23 -7.15 -2.65
C ASP A 111 -16.57 -6.46 -2.41
N ILE A 112 -16.90 -5.50 -3.26
CA ILE A 112 -18.03 -4.60 -3.04
C ILE A 112 -19.33 -5.13 -3.67
N HIS A 113 -19.20 -6.12 -4.56
CA HIS A 113 -20.33 -6.65 -5.32
C HIS A 113 -21.61 -6.85 -4.51
N GLY A 114 -22.71 -6.33 -5.03
CA GLY A 114 -24.04 -6.54 -4.45
C GLY A 114 -24.21 -6.00 -3.05
N ARG A 115 -23.32 -5.10 -2.64
CA ARG A 115 -23.37 -4.53 -1.31
C ARG A 115 -23.89 -3.10 -1.34
N ASP A 116 -24.67 -2.74 -0.33
CA ASP A 116 -25.13 -1.37 -0.17
C ASP A 116 -24.02 -0.54 0.45
N VAL A 117 -23.49 0.40 -0.33
CA VAL A 117 -22.35 1.20 0.12
C VAL A 117 -22.78 2.61 0.49
N LEU A 118 -22.21 3.11 1.57
CA LEU A 118 -22.43 4.48 1.98
C LEU A 118 -21.10 5.16 2.26
N ILE A 119 -20.63 5.93 1.29
CA ILE A 119 -19.38 6.68 1.45
C ILE A 119 -19.54 7.74 2.53
N VAL A 120 -18.61 7.77 3.47
CA VAL A 120 -18.69 8.70 4.59
C VAL A 120 -17.54 9.70 4.56
N GLU A 121 -17.87 10.97 4.35
CA GLU A 121 -16.87 12.03 4.28
C GLU A 121 -16.96 12.98 5.47
N ASP A 122 -15.92 13.80 5.63
CA ASP A 122 -15.90 14.83 6.67
C ASP A 122 -16.32 16.18 6.09
N VAL A 123 -15.61 16.65 5.07
CA VAL A 123 -15.92 17.92 4.44
C VAL A 123 -15.93 17.78 2.92
N VAL A 124 -16.98 18.29 2.28
CA VAL A 124 -17.06 18.28 0.83
C VAL A 124 -17.14 19.72 0.30
N ASP A 125 -16.25 20.04 -0.64
CA ASP A 125 -16.24 21.36 -1.27
C ASP A 125 -15.83 21.22 -2.73
N SER A 126 -14.63 21.68 -3.07
CA SER A 126 -14.06 21.41 -4.39
C SER A 126 -13.43 20.03 -4.41
N GLY A 127 -14.17 19.05 -3.90
CA GLY A 127 -13.68 17.71 -3.75
C GLY A 127 -13.82 16.86 -5.01
N LEU A 128 -12.77 16.86 -5.83
CA LEU A 128 -12.71 15.99 -6.99
C LEU A 128 -12.37 14.56 -6.55
N THR A 129 -11.74 14.46 -5.38
CA THR A 129 -11.40 13.17 -4.78
C THR A 129 -12.64 12.32 -4.53
N LEU A 130 -13.70 12.96 -4.03
CA LEU A 130 -14.97 12.29 -3.80
C LEU A 130 -15.57 11.83 -5.13
N SER A 131 -15.50 12.70 -6.13
CA SER A 131 -15.98 12.39 -7.47
C SER A 131 -15.26 11.16 -8.02
N TRP A 132 -13.94 11.13 -7.86
CA TRP A 132 -13.13 9.98 -8.28
C TRP A 132 -13.52 8.72 -7.53
N LEU A 133 -13.78 8.87 -6.23
CA LEU A 133 -14.09 7.74 -5.36
C LEU A 133 -15.43 7.12 -5.70
N SER A 134 -16.43 7.95 -6.01
CA SER A 134 -17.76 7.46 -6.34
C SER A 134 -17.71 6.64 -7.63
N ARG A 135 -16.91 7.11 -8.58
CA ARG A 135 -16.74 6.41 -9.85
C ARG A 135 -15.93 5.14 -9.67
N ASN A 136 -14.87 5.22 -8.88
CA ASN A 136 -14.01 4.07 -8.63
C ASN A 136 -14.75 2.95 -7.91
N LEU A 137 -15.72 3.31 -7.08
CA LEU A 137 -16.48 2.33 -6.31
C LEU A 137 -17.65 1.76 -7.10
N THR A 138 -18.29 2.58 -7.91
CA THR A 138 -19.44 2.12 -8.69
C THR A 138 -19.00 1.18 -9.80
N SER A 139 -17.71 1.22 -10.12
CA SER A 139 -17.14 0.32 -11.10
C SER A 139 -17.04 -1.09 -10.55
N ARG A 140 -17.02 -1.20 -9.23
CA ARG A 140 -16.90 -2.48 -8.55
C ARG A 140 -18.24 -3.19 -8.39
N ASN A 141 -19.25 -2.63 -9.07
CA ASN A 141 -20.62 -3.16 -9.04
C ASN A 141 -21.26 -3.27 -7.65
N PRO A 142 -21.42 -2.14 -6.95
CA PRO A 142 -22.21 -2.19 -5.72
C PRO A 142 -23.70 -2.32 -6.06
N ARG A 143 -24.52 -2.70 -5.08
CA ARG A 143 -25.96 -2.74 -5.29
C ARG A 143 -26.51 -1.33 -5.20
N SER A 144 -25.91 -0.53 -4.31
CA SER A 144 -26.25 0.88 -4.20
C SER A 144 -25.01 1.67 -3.76
N LEU A 145 -25.02 2.98 -4.01
CA LEU A 145 -23.91 3.84 -3.64
C LEU A 145 -24.39 5.25 -3.35
N ARG A 146 -24.42 5.61 -2.07
CA ARG A 146 -24.78 6.96 -1.67
C ARG A 146 -23.60 7.62 -0.96
N VAL A 147 -23.74 8.91 -0.67
CA VAL A 147 -22.69 9.66 0.00
C VAL A 147 -23.26 10.45 1.17
N CYS A 148 -22.61 10.32 2.33
CA CYS A 148 -22.97 11.08 3.52
C CYS A 148 -21.80 11.92 3.98
N THR A 149 -22.06 13.19 4.27
CA THR A 149 -21.02 14.08 4.76
C THR A 149 -21.47 14.85 6.00
N LEU A 150 -20.54 15.12 6.90
CA LEU A 150 -20.84 15.88 8.10
C LEU A 150 -20.93 17.37 7.78
N LEU A 151 -20.03 17.83 6.92
CA LEU A 151 -19.97 19.24 6.54
C LEU A 151 -20.00 19.44 5.04
N ARG A 152 -20.80 20.40 4.58
CA ARG A 152 -20.83 20.77 3.17
C ARG A 152 -20.56 22.27 3.03
N LYS A 153 -19.73 22.64 2.07
CA LYS A 153 -19.38 24.03 1.85
C LYS A 153 -20.03 24.57 0.56
N PRO A 154 -20.14 25.90 0.44
CA PRO A 154 -20.74 26.53 -0.74
C PRO A 154 -20.05 26.18 -2.07
N ASP A 155 -18.80 25.76 -2.02
CA ASP A 155 -18.07 25.44 -3.24
C ASP A 155 -18.31 24.00 -3.71
N ALA A 156 -19.20 23.29 -3.03
CA ALA A 156 -19.51 21.92 -3.37
C ALA A 156 -20.38 21.84 -4.62
N VAL A 157 -20.82 23.00 -5.10
CA VAL A 157 -21.58 23.08 -6.34
C VAL A 157 -20.72 22.63 -7.52
N HIS A 158 -19.44 22.96 -7.47
CA HIS A 158 -18.52 22.70 -8.57
C HIS A 158 -18.05 21.25 -8.61
N ALA A 159 -18.59 20.42 -7.72
CA ALA A 159 -18.29 19.00 -7.70
C ALA A 159 -19.42 18.21 -8.35
N ASN A 160 -19.07 17.24 -9.18
CA ASN A 160 -20.09 16.38 -9.78
C ASN A 160 -20.24 15.09 -9.02
N VAL A 161 -21.05 15.13 -7.97
CA VAL A 161 -21.37 13.98 -7.14
C VAL A 161 -22.56 14.34 -6.26
N GLU A 162 -23.55 13.45 -6.22
CA GLU A 162 -24.74 13.71 -5.41
C GLU A 162 -24.52 13.30 -3.96
N ILE A 163 -25.06 14.08 -3.04
CA ILE A 163 -24.93 13.79 -1.63
C ILE A 163 -26.30 13.64 -0.97
N ALA A 164 -26.60 12.44 -0.51
CA ALA A 164 -27.91 12.13 0.03
C ALA A 164 -28.08 12.58 1.48
N TYR A 165 -26.96 12.73 2.18
CA TYR A 165 -27.01 13.08 3.59
C TYR A 165 -25.96 14.15 3.92
N VAL A 166 -26.41 15.24 4.53
CA VAL A 166 -25.53 16.33 4.91
C VAL A 166 -25.80 16.74 6.36
N GLY A 167 -24.76 16.68 7.19
CA GLY A 167 -24.89 17.06 8.57
C GLY A 167 -25.15 18.55 8.74
N PHE A 168 -24.16 19.36 8.35
CA PHE A 168 -24.28 20.81 8.45
C PHE A 168 -23.81 21.49 7.18
N ASP A 169 -24.43 22.62 6.86
CA ASP A 169 -23.95 23.50 5.82
C ASP A 169 -23.19 24.66 6.46
N ILE A 170 -21.89 24.72 6.19
CA ILE A 170 -21.01 25.72 6.81
C ILE A 170 -20.41 26.64 5.75
N PRO A 171 -19.93 27.83 6.17
CA PRO A 171 -19.25 28.72 5.21
C PRO A 171 -17.93 28.14 4.69
N ASN A 172 -17.28 28.86 3.79
CA ASN A 172 -16.04 28.40 3.16
C ASN A 172 -14.81 28.54 4.04
N ASP A 173 -14.98 29.16 5.21
CA ASP A 173 -13.86 29.41 6.12
C ASP A 173 -13.22 28.10 6.60
N PHE A 174 -11.91 28.14 6.81
CA PHE A 174 -11.17 26.96 7.22
C PHE A 174 -11.46 26.60 8.68
N VAL A 175 -12.04 25.42 8.89
CA VAL A 175 -12.37 24.95 10.23
C VAL A 175 -11.57 23.71 10.60
N VAL A 176 -11.29 23.55 11.89
CA VAL A 176 -10.62 22.37 12.39
C VAL A 176 -11.41 21.74 13.53
N GLY A 177 -11.05 20.51 13.89
CA GLY A 177 -11.74 19.81 14.96
C GLY A 177 -12.60 18.65 14.47
N TYR A 178 -12.84 17.70 15.36
CA TYR A 178 -13.65 16.52 15.08
C TYR A 178 -13.20 15.80 13.81
N GLY A 179 -11.90 15.50 13.75
CA GLY A 179 -11.34 14.81 12.60
C GLY A 179 -10.65 15.74 11.63
N LEU A 180 -11.02 17.02 11.65
CA LEU A 180 -10.43 17.99 10.73
C LEU A 180 -9.14 18.55 11.30
N ASP A 181 -8.16 18.76 10.43
CA ASP A 181 -6.82 19.11 10.89
C ASP A 181 -6.24 20.35 10.22
N TYR A 182 -5.14 20.83 10.79
CA TYR A 182 -4.22 21.75 10.14
C TYR A 182 -2.81 21.31 10.48
N ASP A 183 -2.13 20.71 9.51
CA ASP A 183 -0.86 20.03 9.74
C ASP A 183 -1.01 18.98 10.84
N GLU A 184 -2.04 18.14 10.67
CA GLU A 184 -2.27 16.97 11.52
C GLU A 184 -2.60 17.28 12.98
N ARG A 185 -2.94 18.54 13.26
CA ARG A 185 -3.31 18.92 14.62
C ARG A 185 -4.81 19.19 14.75
N TYR A 186 -5.26 19.36 15.99
CA TYR A 186 -6.64 19.72 16.34
C TYR A 186 -7.68 18.67 15.96
N ARG A 187 -7.24 17.50 15.49
CA ARG A 187 -8.19 16.43 15.16
C ARG A 187 -8.92 15.94 16.40
N ASP A 188 -8.21 15.87 17.53
CA ASP A 188 -8.75 15.30 18.76
C ASP A 188 -9.77 16.22 19.45
N LEU A 189 -9.99 17.40 18.88
CA LEU A 189 -11.02 18.30 19.39
C LEU A 189 -12.39 17.66 19.19
N SER A 190 -13.29 17.85 20.16
CA SER A 190 -14.60 17.24 20.09
C SER A 190 -15.63 18.20 19.50
N TYR A 191 -15.22 19.45 19.33
CA TYR A 191 -16.04 20.44 18.64
C TYR A 191 -15.34 20.87 17.35
N ILE A 192 -16.09 21.58 16.50
CA ILE A 192 -15.53 22.13 15.27
C ILE A 192 -15.38 23.64 15.42
N GLY A 193 -14.15 24.12 15.29
CA GLY A 193 -13.87 25.53 15.48
C GLY A 193 -13.10 26.14 14.33
N THR A 194 -13.03 27.47 14.33
CA THR A 194 -12.34 28.21 13.27
C THR A 194 -10.96 28.61 13.73
N LEU A 195 -9.98 28.45 12.85
CA LEU A 195 -8.61 28.84 13.14
C LEU A 195 -8.38 30.34 12.98
N ASP A 196 -7.61 30.92 13.90
CA ASP A 196 -7.04 32.24 13.69
C ASP A 196 -5.75 32.04 12.92
N PRO A 197 -5.52 32.85 11.87
CA PRO A 197 -4.38 32.66 10.94
C PRO A 197 -3.02 32.61 11.63
N ARG A 198 -2.76 31.54 12.37
CA ARG A 198 -1.49 31.34 13.05
C ARG A 198 -1.35 29.89 13.51
N GLY B 20 -30.40 -12.42 18.48
CA GLY B 20 -29.94 -13.25 19.59
C GLY B 20 -28.55 -13.81 19.35
N ASP B 21 -27.72 -13.06 18.64
CA ASP B 21 -26.36 -13.49 18.33
C ASP B 21 -25.45 -13.40 19.55
N ILE B 22 -25.82 -12.53 20.49
CA ILE B 22 -25.03 -12.33 21.70
C ILE B 22 -25.69 -12.97 22.92
N LYS B 23 -24.97 -13.89 23.56
CA LYS B 23 -25.48 -14.59 24.73
C LYS B 23 -25.45 -13.70 25.97
N SER B 24 -24.26 -13.31 26.37
CA SER B 24 -24.09 -12.46 27.55
C SER B 24 -23.42 -11.14 27.21
N VAL B 25 -23.73 -10.11 27.99
CA VAL B 25 -23.07 -8.82 27.85
C VAL B 25 -21.92 -8.74 28.86
N LEU B 26 -20.74 -8.35 28.37
CA LEU B 26 -19.57 -8.26 29.22
C LEU B 26 -19.38 -6.86 29.79
N LEU B 27 -19.36 -5.86 28.91
CA LEU B 27 -19.13 -4.48 29.31
C LEU B 27 -20.15 -3.54 28.68
N THR B 28 -20.91 -2.83 29.51
CA THR B 28 -21.92 -1.90 29.01
C THR B 28 -21.27 -0.67 28.39
N ALA B 29 -22.06 0.15 27.72
CA ALA B 29 -21.54 1.36 27.09
C ALA B 29 -21.11 2.37 28.15
N GLU B 30 -21.75 2.32 29.30
CA GLU B 30 -21.41 3.23 30.40
C GLU B 30 -20.07 2.85 31.01
N GLN B 31 -19.86 1.54 31.22
CA GLN B 31 -18.60 1.04 31.77
C GLN B 31 -17.42 1.39 30.89
N ILE B 32 -17.59 1.25 29.58
CA ILE B 32 -16.52 1.57 28.64
C ILE B 32 -16.21 3.07 28.65
N GLN B 33 -17.26 3.89 28.53
CA GLN B 33 -17.12 5.33 28.52
C GLN B 33 -16.45 5.85 29.79
N ALA B 34 -16.87 5.32 30.93
CA ALA B 34 -16.32 5.74 32.22
C ALA B 34 -14.86 5.31 32.37
N ARG B 35 -14.53 4.13 31.84
CA ARG B 35 -13.16 3.63 31.91
C ARG B 35 -12.21 4.44 31.04
N ILE B 36 -12.66 4.78 29.84
CA ILE B 36 -11.87 5.55 28.89
C ILE B 36 -11.61 6.95 29.41
N ALA B 37 -12.56 7.49 30.16
CA ALA B 37 -12.40 8.80 30.78
C ALA B 37 -11.28 8.75 31.81
N GLU B 38 -11.18 7.63 32.52
CA GLU B 38 -10.13 7.44 33.52
C GLU B 38 -8.77 7.28 32.85
N LEU B 39 -8.71 6.49 31.78
CA LEU B 39 -7.47 6.28 31.06
C LEU B 39 -6.91 7.60 30.54
N GLY B 40 -7.76 8.37 29.86
CA GLY B 40 -7.37 9.67 29.34
C GLY B 40 -6.76 10.56 30.40
N GLU B 41 -7.39 10.59 31.57
CA GLU B 41 -6.88 11.37 32.70
C GLU B 41 -5.51 10.86 33.13
N GLN B 42 -5.39 9.54 33.24
CA GLN B 42 -4.14 8.90 33.65
C GLN B 42 -3.05 9.14 32.63
N ILE B 43 -3.39 8.93 31.36
CA ILE B 43 -2.47 9.16 30.26
C ILE B 43 -2.10 10.64 30.16
N GLY B 44 -3.09 11.51 30.35
CA GLY B 44 -2.88 12.94 30.29
C GLY B 44 -1.91 13.45 31.34
N ASN B 45 -1.98 12.88 32.54
CA ASN B 45 -1.11 13.29 33.62
C ASN B 45 0.33 12.83 33.40
N ASP B 46 0.48 11.67 32.76
CA ASP B 46 1.80 11.08 32.55
C ASP B 46 2.52 11.68 31.35
N TYR B 47 1.77 12.34 30.48
CA TYR B 47 2.34 12.93 29.27
C TYR B 47 2.20 14.46 29.24
N ARG B 48 3.13 15.16 29.88
CA ARG B 48 3.13 16.61 29.87
C ARG B 48 4.55 17.18 29.70
N GLU B 49 5.04 17.16 28.46
CA GLU B 49 6.37 17.66 28.11
C GLU B 49 7.46 16.97 28.94
N GLN B 56 6.43 18.49 21.15
CA GLN B 56 5.38 18.25 20.19
C GLN B 56 4.16 17.61 20.84
N ASP B 57 3.34 16.93 20.02
CA ASP B 57 2.13 16.30 20.52
C ASP B 57 2.27 14.80 20.69
N LEU B 58 1.44 14.23 21.56
CA LEU B 58 1.39 12.79 21.75
C LEU B 58 0.93 12.10 20.48
N LEU B 59 1.53 10.96 20.15
CA LEU B 59 1.22 10.28 18.91
C LEU B 59 0.54 8.93 19.13
N LEU B 60 -0.72 8.84 18.72
CA LEU B 60 -1.50 7.61 18.87
C LEU B 60 -1.43 6.75 17.61
N ILE B 61 -0.84 5.57 17.74
CA ILE B 61 -0.74 4.65 16.61
C ILE B 61 -1.65 3.45 16.80
N THR B 62 -2.53 3.24 15.83
CA THR B 62 -3.51 2.15 15.88
C THR B 62 -3.43 1.32 14.61
N VAL B 63 -3.47 0.00 14.77
CA VAL B 63 -3.51 -0.89 13.61
C VAL B 63 -4.96 -1.17 13.23
N LEU B 64 -5.27 -0.93 11.95
CA LEU B 64 -6.60 -1.16 11.42
C LEU B 64 -7.06 -2.62 11.62
N LYS B 65 -8.32 -2.81 12.01
CA LYS B 65 -9.23 -1.71 12.26
C LYS B 65 -10.09 -1.94 13.51
N GLY B 66 -9.64 -2.86 14.35
CA GLY B 66 -10.41 -3.22 15.53
C GLY B 66 -10.43 -2.14 16.61
N ALA B 67 -9.37 -1.32 16.65
CA ALA B 67 -9.24 -0.31 17.69
C ALA B 67 -9.52 1.10 17.17
N VAL B 68 -10.38 1.21 16.17
CA VAL B 68 -10.73 2.53 15.63
C VAL B 68 -11.75 3.23 16.54
N LEU B 69 -12.78 2.51 16.97
CA LEU B 69 -13.76 3.09 17.89
C LEU B 69 -13.09 3.51 19.19
N PHE B 70 -12.20 2.66 19.68
CA PHE B 70 -11.52 2.91 20.94
C PHE B 70 -10.59 4.13 20.87
N VAL B 71 -9.87 4.26 19.76
CA VAL B 71 -8.89 5.33 19.63
C VAL B 71 -9.56 6.69 19.38
N THR B 72 -10.75 6.68 18.79
CA THR B 72 -11.49 7.93 18.55
C THR B 72 -12.07 8.44 19.86
N ASP B 73 -12.48 7.53 20.73
CA ASP B 73 -13.02 7.90 22.04
C ASP B 73 -11.89 8.22 23.03
N LEU B 74 -10.75 7.56 22.86
CA LEU B 74 -9.62 7.75 23.76
C LEU B 74 -8.96 9.12 23.57
N ALA B 75 -8.70 9.49 22.33
CA ALA B 75 -8.08 10.76 22.01
C ALA B 75 -8.87 11.93 22.59
N ARG B 76 -10.19 11.85 22.49
CA ARG B 76 -11.07 12.89 23.01
C ARG B 76 -11.06 12.91 24.53
N ALA B 77 -10.68 11.79 25.14
CA ALA B 77 -10.64 11.68 26.59
C ALA B 77 -9.30 12.16 27.17
N ILE B 78 -8.26 12.17 26.34
CA ILE B 78 -6.94 12.63 26.77
C ILE B 78 -6.85 14.15 26.73
N PRO B 79 -6.63 14.79 27.89
CA PRO B 79 -6.62 16.25 28.04
C PRO B 79 -5.33 16.94 27.56
N VAL B 80 -4.56 16.27 26.71
CA VAL B 80 -3.42 16.91 26.06
C VAL B 80 -3.54 16.68 24.55
N PRO B 81 -2.94 17.57 23.73
CA PRO B 81 -3.03 17.43 22.27
C PRO B 81 -2.46 16.11 21.73
N THR B 82 -3.27 15.40 20.96
CA THR B 82 -2.87 14.10 20.40
C THR B 82 -3.11 14.04 18.89
N GLN B 83 -2.31 13.24 18.21
CA GLN B 83 -2.45 13.05 16.76
C GLN B 83 -2.70 11.58 16.42
N PHE B 84 -3.37 11.35 15.29
CA PHE B 84 -3.69 9.99 14.85
C PHE B 84 -2.71 9.49 13.78
N GLU B 85 -2.39 8.21 13.85
CA GLU B 85 -1.60 7.56 12.82
C GLU B 85 -2.07 6.13 12.67
N PHE B 86 -2.37 5.72 11.44
CA PHE B 86 -2.92 4.39 11.21
C PHE B 86 -1.96 3.50 10.42
N MET B 87 -2.08 2.20 10.64
CA MET B 87 -1.23 1.23 9.95
C MET B 87 -2.02 -0.03 9.62
N ALA B 88 -2.28 -0.23 8.32
CA ALA B 88 -2.95 -1.45 7.88
C ALA B 88 -1.92 -2.55 7.65
N VAL B 89 -2.28 -3.76 8.04
CA VAL B 89 -1.33 -4.87 8.08
C VAL B 89 -2.06 -6.21 7.98
N SER B 90 -1.57 -7.09 7.10
CA SER B 90 -2.13 -8.43 6.98
C SER B 90 -1.10 -9.48 7.39
N SER B 91 -1.56 -10.70 7.65
CA SER B 91 -0.66 -11.76 8.08
C SER B 91 -0.18 -12.61 6.91
N TYR B 92 0.91 -13.35 7.14
CA TYR B 92 1.44 -14.26 6.13
C TYR B 92 0.86 -15.65 6.29
N VAL B 101 6.84 -12.84 9.67
CA VAL B 101 5.96 -12.65 10.81
C VAL B 101 4.62 -12.01 10.41
N VAL B 102 4.68 -10.85 9.76
CA VAL B 102 3.47 -10.14 9.39
C VAL B 102 3.73 -9.12 8.26
N ARG B 103 2.73 -8.88 7.44
CA ARG B 103 2.89 -8.08 6.23
C ARG B 103 2.31 -6.66 6.36
N ILE B 104 3.05 -5.67 5.88
CA ILE B 104 2.58 -4.29 5.89
C ILE B 104 1.87 -3.93 4.58
N LEU B 105 0.61 -3.52 4.68
CA LEU B 105 -0.16 -3.09 3.53
C LEU B 105 -0.24 -1.57 3.47
N LYS B 106 -0.08 -0.92 4.62
CA LYS B 106 -0.08 0.54 4.70
C LYS B 106 0.79 1.00 5.86
N ASP B 107 1.96 1.54 5.55
CA ASP B 107 2.89 2.04 6.55
C ASP B 107 2.43 3.41 7.04
N LEU B 108 3.18 3.96 7.99
CA LEU B 108 2.84 5.25 8.59
C LEU B 108 3.00 6.40 7.60
N ASP B 109 2.26 7.49 7.85
CA ASP B 109 2.28 8.65 6.96
C ASP B 109 3.31 9.69 7.37
N ARG B 110 4.07 9.39 8.43
CA ARG B 110 5.08 10.31 8.93
C ARG B 110 6.10 9.59 9.78
N ASP B 111 7.35 10.07 9.73
CA ASP B 111 8.42 9.51 10.55
C ASP B 111 8.18 9.85 12.02
N ILE B 112 8.42 8.88 12.89
CA ILE B 112 8.11 9.04 14.30
C ILE B 112 9.36 9.29 15.15
N HIS B 113 10.43 9.73 14.49
CA HIS B 113 11.70 9.99 15.17
C HIS B 113 11.57 11.09 16.21
N GLY B 114 11.89 10.78 17.46
CA GLY B 114 11.86 11.76 18.53
C GLY B 114 10.45 12.08 18.99
N ARG B 115 9.51 11.20 18.66
CA ARG B 115 8.12 11.40 19.04
C ARG B 115 7.74 10.51 20.21
N ASP B 116 6.83 11.00 21.05
CA ASP B 116 6.28 10.20 22.13
C ASP B 116 5.11 9.38 21.60
N VAL B 117 5.36 8.09 21.39
CA VAL B 117 4.39 7.23 20.74
C VAL B 117 3.61 6.35 21.72
N LEU B 118 2.29 6.38 21.60
CA LEU B 118 1.44 5.49 22.38
C LEU B 118 0.70 4.51 21.47
N ILE B 119 1.15 3.26 21.43
CA ILE B 119 0.49 2.23 20.63
C ILE B 119 -0.88 1.92 21.21
N VAL B 120 -1.91 2.01 20.38
CA VAL B 120 -3.27 1.79 20.86
C VAL B 120 -3.86 0.51 20.27
N GLU B 121 -4.10 -0.47 21.14
CA GLU B 121 -4.62 -1.76 20.72
C GLU B 121 -6.02 -1.97 21.31
N ASP B 122 -6.75 -2.94 20.77
CA ASP B 122 -8.09 -3.24 21.25
C ASP B 122 -8.10 -4.43 22.22
N VAL B 123 -7.52 -5.55 21.80
CA VAL B 123 -7.48 -6.76 22.61
C VAL B 123 -6.11 -7.44 22.52
N VAL B 124 -5.59 -7.84 23.68
CA VAL B 124 -4.32 -8.55 23.74
C VAL B 124 -4.45 -9.89 24.45
N ASP B 125 -4.07 -10.96 23.77
CA ASP B 125 -3.86 -12.25 24.43
C ASP B 125 -2.64 -12.97 23.87
N SER B 126 -2.67 -13.37 22.61
CA SER B 126 -1.48 -13.94 21.99
C SER B 126 -0.43 -12.85 21.90
N GLY B 127 -0.85 -11.68 21.40
CA GLY B 127 0.00 -10.51 21.36
C GLY B 127 1.24 -10.66 20.49
N LEU B 128 1.19 -11.56 19.52
CA LEU B 128 2.33 -11.78 18.63
C LEU B 128 2.50 -10.62 17.65
N THR B 129 1.39 -10.10 17.17
CA THR B 129 1.40 -8.96 16.27
C THR B 129 1.83 -7.70 17.02
N LEU B 130 1.41 -7.60 18.28
CA LEU B 130 1.77 -6.46 19.12
C LEU B 130 3.27 -6.44 19.38
N SER B 131 3.83 -7.62 19.60
CA SER B 131 5.25 -7.77 19.89
C SER B 131 6.10 -7.30 18.71
N TRP B 132 5.67 -7.67 17.51
CA TRP B 132 6.33 -7.23 16.29
C TRP B 132 6.22 -5.73 16.10
N LEU B 133 5.01 -5.20 16.27
CA LEU B 133 4.73 -3.79 16.09
C LEU B 133 5.59 -2.93 17.02
N SER B 134 5.69 -3.36 18.27
CA SER B 134 6.50 -2.68 19.27
C SER B 134 7.97 -2.60 18.85
N ARG B 135 8.49 -3.71 18.31
CA ARG B 135 9.88 -3.78 17.89
C ARG B 135 10.10 -2.95 16.63
N ASN B 136 9.14 -3.00 15.72
CA ASN B 136 9.23 -2.30 14.45
C ASN B 136 9.22 -0.78 14.64
N LEU B 137 8.50 -0.33 15.65
CA LEU B 137 8.41 1.11 15.92
C LEU B 137 9.65 1.61 16.65
N THR B 138 10.19 0.80 17.56
CA THR B 138 11.36 1.19 18.32
C THR B 138 12.58 1.35 17.42
N SER B 139 12.62 0.58 16.35
CA SER B 139 13.73 0.66 15.40
C SER B 139 13.68 1.96 14.60
N ARG B 140 12.56 2.67 14.68
CA ARG B 140 12.44 3.98 14.05
C ARG B 140 12.90 5.05 15.03
N ASN B 141 13.28 4.61 16.22
CA ASN B 141 13.83 5.46 17.28
C ASN B 141 12.91 6.62 17.68
N PRO B 142 11.75 6.31 18.28
CA PRO B 142 10.93 7.37 18.87
C PRO B 142 11.46 7.77 20.24
N ARG B 143 11.03 8.92 20.75
CA ARG B 143 11.49 9.39 22.06
C ARG B 143 10.92 8.51 23.17
N SER B 144 9.69 8.04 22.99
CA SER B 144 9.00 7.25 24.00
C SER B 144 8.04 6.27 23.34
N LEU B 145 7.92 5.08 23.93
CA LEU B 145 7.05 4.05 23.35
C LEU B 145 6.34 3.26 24.44
N ARG B 146 5.02 3.39 24.49
CA ARG B 146 4.19 2.65 25.43
C ARG B 146 2.98 2.03 24.73
N VAL B 147 2.32 1.10 25.39
CA VAL B 147 1.17 0.42 24.81
C VAL B 147 -0.07 0.54 25.69
N CYS B 148 -1.19 0.89 25.06
CA CYS B 148 -2.47 0.98 25.74
C CYS B 148 -3.51 0.10 25.04
N THR B 149 -4.04 -0.89 25.76
CA THR B 149 -5.06 -1.75 25.21
C THR B 149 -6.38 -1.66 26.00
N LEU B 150 -7.49 -1.90 25.32
CA LEU B 150 -8.79 -1.83 25.97
C LEU B 150 -9.05 -3.09 26.78
N LEU B 151 -8.94 -4.23 26.13
CA LEU B 151 -9.12 -5.52 26.79
C LEU B 151 -7.81 -6.27 26.86
N ARG B 152 -7.69 -7.11 27.89
CA ARG B 152 -6.55 -8.00 28.01
C ARG B 152 -7.03 -9.36 28.50
N LYS B 153 -6.78 -10.39 27.69
CA LYS B 153 -7.20 -11.74 28.00
C LYS B 153 -6.08 -12.47 28.77
N PRO B 154 -6.41 -13.55 29.48
CA PRO B 154 -5.41 -14.20 30.35
C PRO B 154 -4.14 -14.68 29.64
N ASP B 155 -4.23 -15.03 28.36
CA ASP B 155 -3.08 -15.59 27.65
C ASP B 155 -2.01 -14.55 27.33
N ALA B 156 -2.24 -13.31 27.76
CA ALA B 156 -1.30 -12.22 27.51
C ALA B 156 -0.12 -12.25 28.47
N VAL B 157 -0.18 -13.12 29.47
CA VAL B 157 0.92 -13.24 30.43
C VAL B 157 2.12 -13.93 29.77
N HIS B 158 1.85 -14.70 28.72
CA HIS B 158 2.89 -15.43 28.02
C HIS B 158 3.73 -14.50 27.15
N ALA B 159 3.07 -13.57 26.47
CA ALA B 159 3.77 -12.62 25.61
C ALA B 159 4.62 -11.66 26.43
N ASN B 160 5.83 -11.37 25.93
CA ASN B 160 6.76 -10.52 26.66
C ASN B 160 6.68 -9.07 26.17
N VAL B 161 5.49 -8.50 26.28
CA VAL B 161 5.28 -7.10 25.90
C VAL B 161 4.75 -6.30 27.09
N GLU B 162 5.44 -5.23 27.44
CA GLU B 162 5.03 -4.39 28.56
C GLU B 162 3.87 -3.48 28.17
N ILE B 163 2.80 -3.51 28.95
CA ILE B 163 1.61 -2.71 28.67
C ILE B 163 1.34 -1.72 29.81
N ALA B 164 1.47 -0.44 29.52
CA ALA B 164 1.39 0.60 30.54
C ALA B 164 -0.05 0.91 30.97
N TYR B 165 -1.00 0.70 30.07
CA TYR B 165 -2.39 1.00 30.37
C TYR B 165 -3.33 -0.11 29.89
N VAL B 166 -4.19 -0.58 30.79
CA VAL B 166 -5.15 -1.63 30.49
C VAL B 166 -6.54 -1.19 30.93
N GLY B 167 -7.49 -1.22 30.01
CA GLY B 167 -8.86 -0.88 30.34
C GLY B 167 -9.50 -1.93 31.23
N PHE B 168 -9.61 -3.15 30.71
CA PHE B 168 -10.23 -4.24 31.42
C PHE B 168 -9.46 -5.55 31.25
N ASP B 169 -9.36 -6.32 32.32
CA ASP B 169 -8.89 -7.70 32.22
C ASP B 169 -10.12 -8.61 32.19
N ILE B 170 -10.21 -9.45 31.17
CA ILE B 170 -11.38 -10.30 30.99
C ILE B 170 -10.96 -11.77 30.85
N PRO B 171 -11.90 -12.71 31.07
CA PRO B 171 -11.61 -14.13 30.86
C PRO B 171 -11.25 -14.45 29.40
N ASN B 172 -10.87 -15.71 29.17
CA ASN B 172 -10.43 -16.13 27.84
C ASN B 172 -11.60 -16.57 26.98
N ASP B 173 -12.56 -15.68 26.79
CA ASP B 173 -13.72 -15.95 25.94
C ASP B 173 -13.75 -15.00 24.75
N PHE B 174 -14.17 -15.50 23.60
CA PHE B 174 -14.20 -14.68 22.40
C PHE B 174 -15.29 -13.62 22.48
N VAL B 175 -14.90 -12.38 22.79
CA VAL B 175 -15.85 -11.30 22.91
C VAL B 175 -16.01 -10.51 21.60
N VAL B 176 -17.08 -9.74 21.51
CA VAL B 176 -17.35 -8.97 20.30
C VAL B 176 -18.06 -7.66 20.66
N GLY B 177 -17.98 -6.69 19.76
CA GLY B 177 -18.56 -5.37 20.00
C GLY B 177 -17.49 -4.30 20.14
N TYR B 178 -17.90 -3.06 19.98
CA TYR B 178 -17.02 -1.89 20.16
C TYR B 178 -15.71 -2.02 19.40
N GLY B 179 -15.80 -2.21 18.08
CA GLY B 179 -14.62 -2.38 17.25
C GLY B 179 -14.31 -3.83 16.96
N LEU B 180 -14.56 -4.69 17.94
CA LEU B 180 -14.28 -6.12 17.79
C LEU B 180 -15.29 -6.79 16.87
N ASP B 181 -14.82 -7.78 16.12
CA ASP B 181 -15.67 -8.39 15.10
C ASP B 181 -15.69 -9.91 15.14
N TYR B 182 -16.65 -10.47 14.40
CA TYR B 182 -16.61 -11.86 13.97
C TYR B 182 -17.10 -11.93 12.53
N ASP B 183 -16.16 -12.18 11.61
CA ASP B 183 -16.41 -12.07 10.18
C ASP B 183 -16.95 -10.67 9.86
N GLU B 184 -16.23 -9.66 10.33
CA GLU B 184 -16.50 -8.26 10.01
C GLU B 184 -17.83 -7.73 10.53
N ARG B 185 -18.47 -8.47 11.44
CA ARG B 185 -19.74 -8.04 12.01
C ARG B 185 -19.61 -7.60 13.46
N TYR B 186 -20.66 -6.95 13.96
CA TYR B 186 -20.79 -6.55 15.37
C TYR B 186 -19.79 -5.50 15.83
N ARG B 187 -19.09 -4.85 14.91
CA ARG B 187 -18.15 -3.80 15.31
C ARG B 187 -18.88 -2.55 15.79
N ASP B 188 -20.02 -2.25 15.18
CA ASP B 188 -20.74 -1.01 15.44
C ASP B 188 -21.47 -1.01 16.79
N LEU B 189 -21.45 -2.14 17.49
CA LEU B 189 -22.05 -2.23 18.82
C LEU B 189 -21.36 -1.27 19.78
N SER B 190 -22.14 -0.67 20.67
CA SER B 190 -21.60 0.29 21.63
C SER B 190 -21.04 -0.42 22.84
N TYR B 191 -21.53 -1.62 23.09
CA TYR B 191 -21.10 -2.40 24.23
C TYR B 191 -20.23 -3.58 23.79
N ILE B 192 -19.73 -4.34 24.76
CA ILE B 192 -18.98 -5.55 24.48
C ILE B 192 -19.69 -6.75 25.08
N GLY B 193 -19.80 -7.82 24.31
CA GLY B 193 -20.49 -9.01 24.76
C GLY B 193 -19.84 -10.28 24.25
N THR B 194 -20.27 -11.42 24.78
CA THR B 194 -19.79 -12.71 24.33
C THR B 194 -20.67 -13.22 23.20
N LEU B 195 -20.07 -13.92 22.24
CA LEU B 195 -20.81 -14.42 21.10
C LEU B 195 -21.40 -15.79 21.38
N ASP B 196 -22.67 -15.98 21.03
CA ASP B 196 -23.35 -17.26 21.21
C ASP B 196 -22.67 -18.36 20.39
N PRO B 197 -22.68 -19.60 20.89
CA PRO B 197 -22.02 -20.72 20.20
C PRO B 197 -22.67 -21.05 18.85
N ARG B 198 -23.90 -20.61 18.64
CA ARG B 198 -24.61 -20.87 17.39
C ARG B 198 -23.95 -20.14 16.22
N VAL B 199 -23.27 -19.04 16.51
CA VAL B 199 -22.60 -18.25 15.48
C VAL B 199 -21.13 -18.60 15.38
N LYS C 23 10.02 -30.27 -18.24
CA LYS C 23 9.72 -31.58 -18.80
C LYS C 23 9.38 -31.47 -20.30
N SER C 24 9.43 -30.25 -20.81
CA SER C 24 9.13 -30.00 -22.22
C SER C 24 9.72 -28.67 -22.67
N VAL C 25 9.80 -28.48 -24.00
CA VAL C 25 10.30 -27.23 -24.55
C VAL C 25 9.33 -26.67 -25.58
N LEU C 26 8.80 -25.49 -25.31
CA LEU C 26 7.83 -24.85 -26.21
C LEU C 26 8.49 -23.75 -27.04
N LEU C 27 9.12 -22.81 -26.36
CA LEU C 27 9.78 -21.69 -27.03
C LEU C 27 11.22 -21.55 -26.58
N THR C 28 12.15 -21.66 -27.53
CA THR C 28 13.57 -21.57 -27.22
C THR C 28 13.96 -20.14 -26.89
N ALA C 29 15.07 -19.98 -26.18
CA ALA C 29 15.57 -18.65 -25.83
C ALA C 29 15.96 -17.88 -27.08
N GLU C 30 16.30 -18.61 -28.14
CA GLU C 30 16.63 -17.98 -29.43
C GLU C 30 15.38 -17.40 -30.07
N GLN C 31 14.31 -18.17 -30.06
CA GLN C 31 13.03 -17.72 -30.61
C GLN C 31 12.49 -16.51 -29.87
N ILE C 32 12.61 -16.54 -28.54
CA ILE C 32 12.11 -15.46 -27.69
C ILE C 32 12.88 -14.16 -27.92
N GLN C 33 14.20 -14.26 -27.91
CA GLN C 33 15.06 -13.08 -28.06
C GLN C 33 14.97 -12.48 -29.47
N ALA C 34 14.77 -13.34 -30.47
CA ALA C 34 14.67 -12.88 -31.85
C ALA C 34 13.35 -12.18 -32.11
N ARG C 35 12.29 -12.67 -31.48
CA ARG C 35 10.97 -12.08 -31.64
C ARG C 35 10.88 -10.70 -30.99
N ILE C 36 11.36 -10.61 -29.76
CA ILE C 36 11.34 -9.36 -28.99
C ILE C 36 12.01 -8.22 -29.76
N ALA C 37 13.13 -8.53 -30.41
CA ALA C 37 13.84 -7.54 -31.21
C ALA C 37 13.01 -7.09 -32.41
N GLU C 38 12.28 -8.03 -33.01
CA GLU C 38 11.47 -7.74 -34.19
C GLU C 38 10.23 -6.91 -33.82
N LEU C 39 9.74 -7.08 -32.61
CA LEU C 39 8.57 -6.32 -32.15
C LEU C 39 8.98 -4.98 -31.56
N GLY C 40 10.17 -4.93 -30.98
CA GLY C 40 10.75 -3.66 -30.57
C GLY C 40 10.91 -2.77 -31.79
N GLU C 41 11.12 -3.39 -32.95
CA GLU C 41 11.16 -2.68 -34.21
C GLU C 41 9.76 -2.23 -34.64
N GLN C 42 8.77 -3.06 -34.35
CA GLN C 42 7.38 -2.76 -34.70
C GLN C 42 6.88 -1.52 -33.97
N ILE C 43 7.29 -1.37 -32.72
CA ILE C 43 6.75 -0.32 -31.86
C ILE C 43 7.64 0.92 -31.91
N GLY C 44 8.90 0.73 -32.28
CA GLY C 44 9.85 1.83 -32.34
C GLY C 44 9.54 2.86 -33.41
N ASN C 45 8.93 2.43 -34.51
CA ASN C 45 8.62 3.34 -35.60
C ASN C 45 7.14 3.70 -35.68
N ASP C 46 6.35 3.18 -34.75
CA ASP C 46 4.94 3.52 -34.67
C ASP C 46 4.69 4.54 -33.57
N TYR C 47 5.73 4.82 -32.78
CA TYR C 47 5.68 5.87 -31.78
C TYR C 47 6.68 6.97 -32.11
N ARG C 48 6.49 7.61 -33.27
CA ARG C 48 7.37 8.67 -33.71
C ARG C 48 6.65 9.61 -34.67
N THR C 53 6.43 14.09 -31.67
CA THR C 53 5.57 15.25 -31.53
C THR C 53 5.43 15.66 -30.07
N THR C 54 5.47 14.67 -29.19
CA THR C 54 5.35 14.91 -27.74
C THR C 54 6.70 14.72 -27.06
N GLY C 55 7.00 15.59 -26.11
CA GLY C 55 8.25 15.51 -25.37
C GLY C 55 8.29 14.38 -24.36
N GLN C 56 7.14 13.73 -24.16
CA GLN C 56 7.04 12.61 -23.22
C GLN C 56 7.48 11.32 -23.91
N ASP C 57 7.75 10.28 -23.12
CA ASP C 57 8.18 9.00 -23.69
C ASP C 57 7.04 7.98 -23.63
N LEU C 58 7.23 6.85 -24.30
CA LEU C 58 6.31 5.72 -24.19
C LEU C 58 6.41 5.07 -22.82
N LEU C 59 5.30 5.01 -22.10
CA LEU C 59 5.30 4.53 -20.72
C LEU C 59 4.96 3.05 -20.64
N LEU C 60 5.93 2.24 -20.25
CA LEU C 60 5.72 0.81 -20.11
C LEU C 60 5.14 0.49 -18.74
N ILE C 61 3.83 0.24 -18.71
CA ILE C 61 3.13 -0.09 -17.47
C ILE C 61 2.82 -1.58 -17.40
N THR C 62 3.31 -2.24 -16.36
CA THR C 62 3.12 -3.68 -16.21
C THR C 62 2.77 -4.10 -14.78
N VAL C 63 2.35 -5.35 -14.64
CA VAL C 63 1.93 -5.90 -13.35
C VAL C 63 2.90 -6.98 -12.86
N LEU C 64 3.36 -6.83 -11.62
CA LEU C 64 4.22 -7.82 -10.99
C LEU C 64 3.48 -9.16 -10.87
N LYS C 65 4.19 -10.28 -10.91
CA LYS C 65 5.65 -10.28 -11.05
C LYS C 65 6.07 -11.10 -12.26
N GLY C 66 5.10 -11.52 -13.05
CA GLY C 66 5.36 -12.39 -14.19
C GLY C 66 6.02 -11.72 -15.39
N ALA C 67 5.47 -10.61 -15.84
CA ALA C 67 5.98 -9.93 -17.04
C ALA C 67 7.22 -9.08 -16.76
N VAL C 68 7.78 -9.17 -15.56
CA VAL C 68 8.89 -8.30 -15.17
C VAL C 68 10.21 -8.63 -15.89
N LEU C 69 10.27 -9.78 -16.54
CA LEU C 69 11.48 -10.15 -17.28
C LEU C 69 11.34 -9.76 -18.75
N PHE C 70 10.10 -9.71 -19.23
CA PHE C 70 9.84 -9.28 -20.59
C PHE C 70 10.13 -7.79 -20.73
N VAL C 71 9.73 -7.00 -19.75
CA VAL C 71 9.86 -5.56 -19.79
C VAL C 71 11.31 -5.11 -19.98
N THR C 72 12.23 -5.81 -19.33
CA THR C 72 13.62 -5.43 -19.35
C THR C 72 14.24 -5.71 -20.70
N ASP C 73 13.76 -6.77 -21.36
CA ASP C 73 14.26 -7.15 -22.67
C ASP C 73 13.51 -6.45 -23.79
N LEU C 74 12.25 -6.08 -23.52
CA LEU C 74 11.43 -5.40 -24.52
C LEU C 74 11.83 -3.94 -24.68
N ALA C 75 12.16 -3.30 -23.55
CA ALA C 75 12.52 -1.88 -23.56
C ALA C 75 13.82 -1.63 -24.30
N ARG C 76 14.76 -2.55 -24.18
CA ARG C 76 16.06 -2.42 -24.84
C ARG C 76 15.96 -2.78 -26.31
N ALA C 77 14.89 -3.50 -26.67
CA ALA C 77 14.64 -3.84 -28.06
C ALA C 77 13.97 -2.69 -28.79
N ILE C 78 13.32 -1.82 -28.01
CA ILE C 78 12.65 -0.64 -28.55
C ILE C 78 13.62 0.54 -28.60
N PRO C 79 13.81 1.11 -29.81
CA PRO C 79 14.77 2.21 -30.02
C PRO C 79 14.38 3.51 -29.32
N VAL C 80 13.12 3.94 -29.42
CA VAL C 80 12.68 5.18 -28.81
C VAL C 80 12.82 5.11 -27.29
N PRO C 81 13.10 6.25 -26.64
CA PRO C 81 13.27 6.26 -25.19
C PRO C 81 12.00 5.84 -24.47
N THR C 82 12.07 4.83 -23.60
CA THR C 82 10.89 4.35 -22.91
C THR C 82 10.97 4.50 -21.41
N GLN C 83 9.92 4.03 -20.77
CA GLN C 83 9.57 4.50 -19.45
C GLN C 83 8.98 3.35 -18.61
N PHE C 84 9.66 2.93 -17.54
CA PHE C 84 9.18 1.78 -16.76
C PHE C 84 8.15 2.20 -15.71
N GLU C 85 7.13 1.37 -15.53
CA GLU C 85 6.11 1.61 -14.51
C GLU C 85 5.48 0.29 -14.06
N PHE C 86 5.42 0.07 -12.76
CA PHE C 86 4.96 -1.22 -12.23
C PHE C 86 3.72 -1.10 -11.36
N MET C 87 3.05 -2.22 -11.14
CA MET C 87 1.84 -2.27 -10.34
C MET C 87 1.66 -3.64 -9.69
N ALA C 88 1.33 -3.66 -8.39
CA ALA C 88 1.09 -4.92 -7.69
C ALA C 88 -0.39 -5.11 -7.43
N VAL C 89 -0.86 -6.33 -7.70
CA VAL C 89 -2.29 -6.62 -7.67
C VAL C 89 -2.60 -7.92 -6.95
N SER C 90 -3.51 -7.85 -5.98
CA SER C 90 -4.00 -9.03 -5.30
C SER C 90 -5.39 -9.38 -5.81
N SER C 91 -5.97 -10.47 -5.30
CA SER C 91 -7.29 -10.89 -5.75
C SER C 91 -8.27 -10.98 -4.57
N TYR C 92 -9.55 -11.09 -4.91
CA TYR C 92 -10.60 -11.21 -3.90
C TYR C 92 -11.21 -12.61 -3.90
N GLY C 100 -13.68 -8.86 -13.56
CA GLY C 100 -12.46 -9.24 -12.86
C GLY C 100 -12.15 -8.34 -11.68
N VAL C 101 -12.60 -8.76 -10.49
CA VAL C 101 -12.38 -7.98 -9.28
C VAL C 101 -10.99 -8.23 -8.69
N VAL C 102 -10.17 -7.19 -8.70
CA VAL C 102 -8.83 -7.28 -8.09
C VAL C 102 -8.57 -6.10 -7.18
N ARG C 103 -7.50 -6.19 -6.39
CA ARG C 103 -7.15 -5.16 -5.44
C ARG C 103 -5.74 -4.63 -5.69
N ILE C 104 -5.55 -3.33 -5.51
CA ILE C 104 -4.25 -2.71 -5.72
C ILE C 104 -3.42 -2.73 -4.43
N LEU C 105 -2.25 -3.36 -4.49
CA LEU C 105 -1.32 -3.36 -3.37
C LEU C 105 -0.26 -2.29 -3.57
N LYS C 106 0.13 -2.11 -4.84
CA LYS C 106 1.04 -1.04 -5.22
C LYS C 106 0.46 -0.32 -6.43
N ASP C 107 0.35 1.01 -6.33
CA ASP C 107 -0.27 1.81 -7.38
C ASP C 107 0.80 2.41 -8.30
N LEU C 108 0.37 3.26 -9.23
CA LEU C 108 1.29 3.97 -10.10
C LEU C 108 1.92 5.15 -9.36
N ASP C 109 3.20 5.38 -9.60
CA ASP C 109 3.91 6.48 -8.97
C ASP C 109 3.50 7.82 -9.57
N ARG C 110 3.23 7.80 -10.88
CA ARG C 110 2.82 9.01 -11.60
C ARG C 110 1.44 8.81 -12.21
N ASP C 111 0.73 9.91 -12.44
CA ASP C 111 -0.53 9.84 -13.17
C ASP C 111 -0.22 9.81 -14.66
N ILE C 112 -1.00 9.02 -15.40
CA ILE C 112 -0.72 8.81 -16.81
C ILE C 112 -1.59 9.67 -17.72
N HIS C 113 -2.10 10.77 -17.18
CA HIS C 113 -2.90 11.70 -17.99
C HIS C 113 -2.07 12.30 -19.10
N GLY C 114 -2.62 12.30 -20.31
CA GLY C 114 -1.94 12.85 -21.48
C GLY C 114 -0.62 12.16 -21.74
N ARG C 115 -0.65 10.84 -21.72
CA ARG C 115 0.56 10.03 -21.86
C ARG C 115 0.31 8.82 -22.74
N ASP C 116 1.31 8.43 -23.53
CA ASP C 116 1.21 7.24 -24.34
C ASP C 116 1.66 6.01 -23.55
N VAL C 117 0.71 5.14 -23.23
CA VAL C 117 0.97 4.02 -22.34
C VAL C 117 0.86 2.67 -23.05
N LEU C 118 1.86 1.83 -22.85
CA LEU C 118 1.84 0.47 -23.39
C LEU C 118 1.76 -0.55 -22.26
N ILE C 119 0.61 -1.19 -22.10
CA ILE C 119 0.45 -2.23 -21.10
C ILE C 119 1.11 -3.52 -21.57
N VAL C 120 2.10 -3.99 -20.82
CA VAL C 120 2.81 -5.21 -21.19
C VAL C 120 2.47 -6.34 -20.23
N GLU C 121 1.89 -7.42 -20.76
CA GLU C 121 1.46 -8.55 -19.95
C GLU C 121 2.22 -9.82 -20.34
N ASP C 122 2.41 -10.71 -19.37
CA ASP C 122 3.12 -11.96 -19.62
C ASP C 122 2.29 -12.92 -20.45
N VAL C 123 1.09 -13.25 -19.97
CA VAL C 123 0.21 -14.18 -20.67
C VAL C 123 -1.25 -13.78 -20.50
N VAL C 124 -2.01 -13.80 -21.60
CA VAL C 124 -3.41 -13.39 -21.57
C VAL C 124 -4.34 -14.55 -21.86
N ASP C 125 -5.20 -14.86 -20.89
CA ASP C 125 -6.05 -16.03 -21.02
C ASP C 125 -7.50 -15.73 -20.65
N SER C 126 -7.87 -16.13 -19.45
CA SER C 126 -9.28 -16.20 -19.06
C SER C 126 -9.61 -15.01 -18.19
N GLY C 127 -8.60 -14.52 -17.50
CA GLY C 127 -8.78 -13.51 -16.47
C GLY C 127 -9.12 -12.12 -16.97
N LEU C 128 -10.14 -11.53 -16.36
CA LEU C 128 -10.54 -10.17 -16.68
C LEU C 128 -9.67 -9.17 -15.93
N THR C 129 -8.49 -9.63 -15.50
CA THR C 129 -7.52 -8.78 -14.84
C THR C 129 -7.02 -7.70 -15.78
N LEU C 130 -6.79 -8.05 -17.03
CA LEU C 130 -6.30 -7.12 -18.03
C LEU C 130 -7.39 -6.14 -18.45
N SER C 131 -8.61 -6.64 -18.61
CA SER C 131 -9.75 -5.80 -18.98
C SER C 131 -10.01 -4.78 -17.88
N TRP C 132 -9.81 -5.19 -16.64
CA TRP C 132 -9.95 -4.31 -15.50
C TRP C 132 -8.88 -3.23 -15.52
N LEU C 133 -7.64 -3.64 -15.82
CA LEU C 133 -6.51 -2.72 -15.89
C LEU C 133 -6.73 -1.68 -16.98
N SER C 134 -7.38 -2.09 -18.06
CA SER C 134 -7.75 -1.16 -19.11
C SER C 134 -8.75 -0.15 -18.60
N ARG C 135 -9.92 -0.62 -18.16
CA ARG C 135 -10.98 0.25 -17.65
C ARG C 135 -10.53 1.09 -16.46
N ASN C 136 -9.44 0.71 -15.82
CA ASN C 136 -8.90 1.47 -14.69
C ASN C 136 -7.91 2.54 -15.14
N LEU C 137 -7.12 2.22 -16.16
CA LEU C 137 -6.11 3.16 -16.64
C LEU C 137 -6.67 4.24 -17.58
N THR C 138 -7.69 3.91 -18.38
CA THR C 138 -8.29 4.91 -19.26
C THR C 138 -9.12 5.94 -18.48
N SER C 139 -9.45 5.62 -17.24
CA SER C 139 -10.12 6.58 -16.37
C SER C 139 -9.13 7.63 -15.87
N ARG C 140 -7.84 7.30 -15.99
CA ARG C 140 -6.79 8.28 -15.74
C ARG C 140 -6.61 9.17 -16.97
N ASN C 141 -7.38 8.86 -18.01
CA ASN C 141 -7.36 9.61 -19.27
C ASN C 141 -5.98 9.74 -19.91
N PRO C 142 -5.42 8.62 -20.39
CA PRO C 142 -4.15 8.68 -21.11
C PRO C 142 -4.37 9.14 -22.56
N ARG C 143 -3.33 9.65 -23.20
CA ARG C 143 -3.42 10.12 -24.57
C ARG C 143 -3.70 8.96 -25.52
N SER C 144 -3.12 7.80 -25.20
CA SER C 144 -3.36 6.59 -25.97
C SER C 144 -3.07 5.36 -25.09
N LEU C 145 -3.80 4.27 -25.33
CA LEU C 145 -3.67 3.08 -24.50
C LEU C 145 -3.87 1.80 -25.30
N ARG C 146 -2.78 1.03 -25.44
CA ARG C 146 -2.86 -0.30 -26.05
C ARG C 146 -2.05 -1.29 -25.21
N VAL C 147 -2.11 -2.56 -25.57
CA VAL C 147 -1.46 -3.60 -24.78
C VAL C 147 -0.55 -4.49 -25.64
N CYS C 148 0.63 -4.79 -25.12
CA CYS C 148 1.56 -5.70 -25.78
C CYS C 148 1.86 -6.92 -24.91
N THR C 149 1.34 -8.08 -25.30
CA THR C 149 1.56 -9.31 -24.54
C THR C 149 2.56 -10.22 -25.23
N LEU C 150 3.25 -11.04 -24.45
CA LEU C 150 4.21 -12.01 -24.99
C LEU C 150 3.47 -13.22 -25.56
N LEU C 151 2.92 -14.04 -24.66
CA LEU C 151 2.17 -15.21 -25.08
C LEU C 151 0.68 -14.87 -25.21
N ARG C 152 -0.07 -15.71 -25.92
CA ARG C 152 -1.49 -15.46 -26.10
C ARG C 152 -2.29 -16.76 -26.14
N LYS C 153 -3.04 -17.01 -25.06
CA LYS C 153 -3.89 -18.21 -24.95
C LYS C 153 -4.98 -18.20 -26.02
N PRO C 154 -5.61 -19.36 -26.31
CA PRO C 154 -6.52 -19.34 -27.46
C PRO C 154 -7.88 -18.75 -27.12
N ASP C 155 -8.28 -18.78 -25.85
CA ASP C 155 -9.57 -18.27 -25.42
C ASP C 155 -9.53 -16.78 -25.13
N ALA C 156 -8.42 -16.14 -25.49
CA ALA C 156 -8.26 -14.70 -25.31
C ALA C 156 -8.78 -13.95 -26.54
N VAL C 157 -10.02 -14.24 -26.91
CA VAL C 157 -10.64 -13.59 -28.05
C VAL C 157 -11.15 -12.20 -27.69
N ALA C 159 -13.44 -12.19 -22.76
CA ALA C 159 -12.59 -11.14 -22.22
C ALA C 159 -13.00 -9.77 -22.76
N ASN C 160 -12.02 -8.86 -22.85
CA ASN C 160 -12.26 -7.53 -23.38
C ASN C 160 -10.97 -6.92 -23.91
N VAL C 161 -11.07 -5.68 -24.41
CA VAL C 161 -9.99 -4.91 -25.05
C VAL C 161 -8.96 -5.73 -25.86
N GLU C 162 -9.08 -5.65 -27.18
CA GLU C 162 -8.23 -6.40 -28.09
C GLU C 162 -6.76 -6.00 -27.94
N ILE C 163 -5.86 -6.95 -28.19
CA ILE C 163 -4.44 -6.74 -27.96
C ILE C 163 -3.73 -6.23 -29.22
N ALA C 164 -2.97 -5.14 -29.07
CA ALA C 164 -2.31 -4.52 -30.20
C ALA C 164 -1.18 -5.36 -30.78
N TYR C 165 -0.35 -5.92 -29.91
CA TYR C 165 0.83 -6.66 -30.37
C TYR C 165 1.01 -8.00 -29.65
N VAL C 166 1.32 -9.04 -30.42
CA VAL C 166 1.49 -10.38 -29.87
C VAL C 166 2.87 -10.94 -30.22
N GLY C 167 3.50 -11.61 -29.25
CA GLY C 167 4.80 -12.22 -29.46
C GLY C 167 4.70 -13.66 -29.92
N PHE C 168 3.90 -14.45 -29.22
CA PHE C 168 3.70 -15.85 -29.57
C PHE C 168 2.27 -16.30 -29.24
N ASP C 169 1.63 -16.97 -30.19
CA ASP C 169 0.30 -17.50 -29.99
C ASP C 169 0.37 -18.91 -29.41
N ILE C 170 0.39 -19.00 -28.08
CA ILE C 170 0.57 -20.27 -27.39
C ILE C 170 -0.74 -21.06 -27.31
N PRO C 171 -0.65 -22.40 -27.22
CA PRO C 171 -1.83 -23.25 -27.06
C PRO C 171 -2.42 -23.18 -25.65
N ASN C 172 -3.50 -23.92 -25.42
CA ASN C 172 -4.18 -23.92 -24.13
C ASN C 172 -3.57 -24.95 -23.17
N ASP C 173 -2.37 -24.66 -22.69
CA ASP C 173 -1.71 -25.56 -21.76
C ASP C 173 -0.89 -24.77 -20.76
N PHE C 174 -0.97 -25.17 -19.48
CA PHE C 174 -0.23 -24.48 -18.43
C PHE C 174 1.27 -24.62 -18.70
N VAL C 175 1.95 -23.47 -18.75
CA VAL C 175 3.35 -23.45 -19.12
C VAL C 175 4.12 -22.48 -18.22
N VAL C 176 5.40 -22.78 -17.98
CA VAL C 176 6.22 -21.94 -17.12
C VAL C 176 7.39 -21.36 -17.91
N GLY C 177 8.44 -20.93 -17.18
CA GLY C 177 9.64 -20.43 -17.81
C GLY C 177 9.50 -19.00 -18.31
N TYR C 178 10.61 -18.27 -18.29
CA TYR C 178 10.66 -16.88 -18.74
C TYR C 178 9.57 -16.03 -18.10
N GLY C 179 9.74 -15.72 -16.82
CA GLY C 179 8.80 -14.87 -16.11
C GLY C 179 7.58 -15.60 -15.56
N LEU C 180 7.14 -16.64 -16.26
CA LEU C 180 6.00 -17.42 -15.81
C LEU C 180 6.42 -18.36 -14.69
N ASP C 181 5.47 -18.74 -13.84
CA ASP C 181 5.80 -19.50 -12.64
C ASP C 181 4.72 -20.50 -12.25
N TYR C 182 5.12 -21.46 -11.41
CA TYR C 182 4.18 -22.37 -10.76
C TYR C 182 4.56 -22.50 -9.29
N ASP C 183 3.71 -21.94 -8.42
CA ASP C 183 3.98 -21.86 -6.98
C ASP C 183 5.35 -21.22 -6.75
N GLU C 184 5.57 -20.09 -7.42
CA GLU C 184 6.78 -19.29 -7.23
C GLU C 184 8.08 -20.00 -7.61
N ARG C 185 8.27 -20.26 -8.90
CA ARG C 185 9.55 -20.80 -9.41
C ARG C 185 9.61 -20.85 -10.93
N TYR C 186 10.73 -21.39 -11.43
CA TYR C 186 10.97 -21.56 -12.86
C TYR C 186 10.93 -20.23 -13.62
N ARG C 187 11.06 -19.13 -12.88
CA ARG C 187 11.13 -17.80 -13.49
C ARG C 187 12.52 -17.53 -14.02
N ASP C 188 13.52 -18.12 -13.36
CA ASP C 188 14.91 -17.92 -13.73
C ASP C 188 15.23 -18.50 -15.09
N LEU C 189 14.37 -19.39 -15.58
CA LEU C 189 14.56 -20.01 -16.88
C LEU C 189 14.50 -18.98 -18.00
N SER C 190 15.39 -19.11 -18.98
CA SER C 190 15.44 -18.17 -20.09
C SER C 190 14.65 -18.71 -21.29
N TYR C 191 14.01 -19.85 -21.10
CA TYR C 191 13.19 -20.46 -22.14
C TYR C 191 11.80 -20.80 -21.61
N ILE C 192 10.89 -21.16 -22.49
CA ILE C 192 9.52 -21.47 -22.11
C ILE C 192 9.18 -22.94 -22.38
N GLY C 193 8.86 -23.68 -21.32
CA GLY C 193 8.58 -25.10 -21.44
C GLY C 193 7.44 -25.57 -20.56
N THR C 194 6.82 -26.68 -20.97
CA THR C 194 5.61 -27.18 -20.30
C THR C 194 5.93 -28.18 -19.19
N LEU C 195 5.28 -27.99 -18.04
CA LEU C 195 5.39 -28.90 -16.90
C LEU C 195 6.82 -29.15 -16.47
N ASP D 21 21.69 13.14 -23.50
CA ASP D 21 22.47 14.13 -22.76
C ASP D 21 23.76 13.53 -22.23
N ILE D 22 24.01 12.27 -22.58
CA ILE D 22 25.21 11.57 -22.14
C ILE D 22 26.45 12.22 -22.73
N LYS D 23 27.29 12.78 -21.87
CA LYS D 23 28.53 13.41 -22.28
C LYS D 23 29.47 12.38 -22.91
N SER D 24 29.65 11.27 -22.21
CA SER D 24 30.46 10.16 -22.71
C SER D 24 30.09 8.86 -22.00
N VAL D 25 30.45 7.74 -22.62
CA VAL D 25 30.12 6.42 -22.07
C VAL D 25 31.38 5.73 -21.55
N LEU D 26 31.30 5.20 -20.33
CA LEU D 26 32.43 4.51 -19.72
C LEU D 26 32.12 3.03 -19.51
N LEU D 27 30.84 2.68 -19.58
CA LEU D 27 30.41 1.29 -19.45
C LEU D 27 29.36 0.96 -20.50
N THR D 28 29.57 -0.11 -21.24
CA THR D 28 28.64 -0.50 -22.30
C THR D 28 28.05 -1.89 -22.06
N ALA D 29 27.13 -2.30 -22.95
CA ALA D 29 26.39 -3.54 -22.80
C ALA D 29 27.30 -4.77 -22.72
N GLU D 30 28.21 -4.89 -23.68
CA GLU D 30 29.12 -6.03 -23.75
C GLU D 30 29.99 -6.10 -22.50
N GLN D 31 30.41 -4.94 -22.01
CA GLN D 31 31.25 -4.87 -20.82
C GLN D 31 30.45 -5.19 -19.56
N ILE D 32 29.21 -4.73 -19.52
CA ILE D 32 28.33 -4.93 -18.37
C ILE D 32 27.78 -6.35 -18.31
N GLN D 33 27.24 -6.83 -19.43
CA GLN D 33 26.62 -8.16 -19.48
C GLN D 33 27.64 -9.27 -19.21
N ALA D 34 28.90 -9.02 -19.57
CA ALA D 34 29.95 -10.00 -19.34
C ALA D 34 30.28 -10.10 -17.87
N ARG D 35 30.35 -8.95 -17.20
CA ARG D 35 30.61 -8.92 -15.77
C ARG D 35 29.44 -9.50 -15.00
N ILE D 36 28.22 -9.23 -15.47
CA ILE D 36 27.01 -9.78 -14.86
C ILE D 36 26.98 -11.29 -15.04
N ALA D 37 27.62 -11.78 -16.09
CA ALA D 37 27.73 -13.22 -16.32
C ALA D 37 28.86 -13.80 -15.47
N GLU D 38 29.74 -12.92 -15.01
CA GLU D 38 30.83 -13.31 -14.12
C GLU D 38 30.40 -13.25 -12.66
N LEU D 39 29.49 -12.34 -12.37
CA LEU D 39 28.93 -12.24 -11.02
C LEU D 39 28.14 -13.48 -10.68
N GLY D 40 27.36 -13.97 -11.65
CA GLY D 40 26.55 -15.15 -11.47
C GLY D 40 27.37 -16.39 -11.16
N GLU D 41 28.60 -16.42 -11.64
CA GLU D 41 29.50 -17.53 -11.38
C GLU D 41 29.85 -17.64 -9.90
N GLN D 42 30.25 -16.52 -9.31
CA GLN D 42 30.60 -16.47 -7.89
C GLN D 42 29.40 -16.86 -7.03
N ILE D 43 28.22 -16.39 -7.42
CA ILE D 43 26.99 -16.70 -6.71
C ILE D 43 26.64 -18.18 -6.82
N GLY D 44 26.91 -18.76 -7.99
CA GLY D 44 26.68 -20.17 -8.22
C GLY D 44 27.56 -21.04 -7.36
N ASN D 45 28.79 -20.58 -7.13
CA ASN D 45 29.75 -21.32 -6.32
C ASN D 45 29.42 -21.23 -4.82
N ASP D 46 29.13 -20.02 -4.37
CA ASP D 46 28.90 -19.78 -2.95
C ASP D 46 27.54 -20.32 -2.48
N TYR D 47 26.63 -20.54 -3.42
CA TYR D 47 25.32 -21.09 -3.09
C TYR D 47 25.07 -22.40 -3.82
N GLN D 56 13.78 -24.20 -1.16
CA GLN D 56 15.20 -24.49 -1.31
C GLN D 56 15.92 -23.42 -2.11
N ASP D 57 15.19 -22.81 -3.05
CA ASP D 57 15.79 -21.94 -4.06
C ASP D 57 16.18 -20.57 -3.54
N LEU D 58 17.21 -19.99 -4.17
CA LEU D 58 17.74 -18.67 -3.81
C LEU D 58 16.71 -17.56 -4.06
N LEU D 59 16.60 -16.65 -3.10
CA LEU D 59 15.69 -15.51 -3.24
C LEU D 59 16.43 -14.21 -3.53
N LEU D 60 16.09 -13.58 -4.65
CA LEU D 60 16.61 -12.26 -4.95
C LEU D 60 15.59 -11.22 -4.52
N ILE D 61 15.99 -10.37 -3.57
CA ILE D 61 15.13 -9.28 -3.12
C ILE D 61 15.68 -7.96 -3.64
N THR D 62 14.87 -7.25 -4.41
CA THR D 62 15.30 -6.01 -5.03
C THR D 62 14.32 -4.87 -4.77
N VAL D 63 14.86 -3.67 -4.60
CA VAL D 63 14.05 -2.48 -4.37
C VAL D 63 13.77 -1.78 -5.70
N LEU D 64 12.50 -1.59 -6.00
CA LEU D 64 12.07 -0.94 -7.24
C LEU D 64 12.53 0.51 -7.28
N LYS D 65 12.93 0.99 -8.47
CA LYS D 65 13.00 0.14 -9.66
C LYS D 65 14.28 0.39 -10.45
N GLY D 66 15.27 0.99 -9.79
CA GLY D 66 16.54 1.27 -10.43
C GLY D 66 17.44 0.04 -10.54
N ALA D 67 17.02 -1.05 -9.92
CA ALA D 67 17.82 -2.28 -9.94
C ALA D 67 17.05 -3.46 -10.54
N VAL D 68 15.88 -3.18 -11.11
CA VAL D 68 15.07 -4.23 -11.72
C VAL D 68 15.74 -4.78 -12.97
N LEU D 69 16.29 -3.87 -13.77
CA LEU D 69 16.94 -4.24 -15.03
C LEU D 69 18.17 -5.12 -14.79
N PHE D 70 18.81 -4.92 -13.63
CA PHE D 70 20.02 -5.68 -13.29
C PHE D 70 19.71 -7.09 -12.78
N VAL D 71 18.67 -7.20 -11.96
CA VAL D 71 18.28 -8.49 -11.38
C VAL D 71 17.87 -9.50 -12.44
N THR D 72 17.09 -9.02 -13.40
CA THR D 72 16.56 -9.84 -14.47
C THR D 72 17.65 -10.56 -15.27
N ASP D 73 18.75 -9.87 -15.50
CA ASP D 73 19.89 -10.43 -16.22
C ASP D 73 20.77 -11.24 -15.29
N LEU D 74 20.66 -10.96 -13.99
CA LEU D 74 21.49 -11.63 -13.00
C LEU D 74 20.97 -13.04 -12.71
N ALA D 75 19.64 -13.16 -12.62
CA ALA D 75 19.01 -14.44 -12.31
C ALA D 75 19.29 -15.49 -13.38
N ARG D 76 19.31 -15.05 -14.63
CA ARG D 76 19.58 -15.96 -15.75
C ARG D 76 21.06 -16.26 -15.87
N ALA D 77 21.89 -15.44 -15.23
CA ALA D 77 23.33 -15.65 -15.23
C ALA D 77 23.75 -16.56 -14.08
N ILE D 78 22.80 -16.87 -13.20
CA ILE D 78 23.05 -17.77 -12.07
C ILE D 78 22.58 -19.18 -12.39
N PRO D 79 23.47 -20.17 -12.27
CA PRO D 79 23.15 -21.57 -12.58
C PRO D 79 22.12 -22.17 -11.63
N VAL D 80 22.28 -21.94 -10.33
CA VAL D 80 21.37 -22.49 -9.33
C VAL D 80 20.01 -21.81 -9.42
N PRO D 81 18.93 -22.55 -9.10
CA PRO D 81 17.57 -22.00 -9.18
C PRO D 81 17.37 -20.80 -8.25
N THR D 82 17.06 -19.65 -8.84
CA THR D 82 16.82 -18.43 -8.08
C THR D 82 15.36 -18.03 -8.10
N GLN D 83 15.05 -16.86 -7.54
CA GLN D 83 13.68 -16.39 -7.44
C GLN D 83 13.63 -14.88 -7.27
N PHE D 84 12.46 -14.29 -7.49
CA PHE D 84 12.30 -12.85 -7.38
C PHE D 84 11.34 -12.45 -6.27
N GLU D 85 11.72 -11.43 -5.51
CA GLU D 85 10.83 -10.82 -4.54
C GLU D 85 10.98 -9.31 -4.58
N PHE D 86 9.92 -8.63 -4.99
CA PHE D 86 9.99 -7.18 -5.19
C PHE D 86 9.45 -6.41 -3.99
N MET D 87 9.88 -5.15 -3.88
CA MET D 87 9.57 -4.34 -2.72
C MET D 87 9.59 -2.85 -3.06
N ALA D 88 8.41 -2.23 -3.06
CA ALA D 88 8.30 -0.80 -3.37
C ALA D 88 8.53 0.04 -2.13
N VAL D 89 9.26 1.14 -2.30
CA VAL D 89 9.67 1.95 -1.16
C VAL D 89 9.61 3.45 -1.48
N SER D 90 8.99 4.20 -0.56
CA SER D 90 9.03 5.66 -0.61
C SER D 90 9.85 6.15 0.58
N SER D 91 9.92 7.47 0.75
CA SER D 91 10.75 8.02 1.82
C SER D 91 10.07 9.19 2.53
N TYR D 92 10.53 9.46 3.75
CA TYR D 92 10.03 10.58 4.54
C TYR D 92 10.91 11.80 4.35
N GLY D 93 11.63 12.19 5.39
CA GLY D 93 12.60 13.27 5.30
C GLY D 93 13.84 12.81 4.57
N SER D 94 14.90 12.54 5.31
CA SER D 94 16.12 12.02 4.71
C SER D 94 16.97 11.26 5.74
N SER D 95 17.84 11.98 6.44
CA SER D 95 18.73 11.37 7.42
C SER D 95 18.19 11.54 8.84
N GLY D 100 18.37 7.52 7.94
CA GLY D 100 17.90 6.74 6.82
C GLY D 100 16.51 6.17 7.05
N VAL D 101 15.51 7.05 7.15
CA VAL D 101 14.14 6.63 7.36
C VAL D 101 13.47 6.23 6.05
N VAL D 102 12.64 5.19 6.09
CA VAL D 102 12.04 4.64 4.89
C VAL D 102 10.57 4.24 5.07
N ARG D 103 9.72 4.71 4.17
CA ARG D 103 8.32 4.32 4.13
C ARG D 103 8.13 3.15 3.15
N ILE D 104 7.29 2.19 3.53
CA ILE D 104 7.06 1.01 2.71
C ILE D 104 5.74 1.09 1.94
N LEU D 105 5.81 0.87 0.62
CA LEU D 105 4.63 0.98 -0.23
C LEU D 105 4.06 -0.38 -0.64
N LYS D 106 4.91 -1.39 -0.76
CA LYS D 106 4.44 -2.72 -1.12
C LYS D 106 4.91 -3.82 -0.17
N ASP D 107 6.22 -4.01 -0.09
CA ASP D 107 6.85 -5.06 0.71
C ASP D 107 6.54 -6.48 0.22
N LEU D 108 7.37 -7.43 0.65
CA LEU D 108 7.37 -8.80 0.17
C LEU D 108 6.02 -9.50 0.23
N ASP D 109 5.76 -10.37 -0.75
CA ASP D 109 4.53 -11.14 -0.81
C ASP D 109 4.59 -12.36 0.10
N ARG D 110 5.81 -12.78 0.43
CA ARG D 110 6.02 -13.97 1.25
C ARG D 110 6.93 -13.69 2.44
N ASP D 111 6.86 -14.55 3.45
CA ASP D 111 7.77 -14.50 4.58
C ASP D 111 9.12 -15.11 4.17
N ILE D 112 10.18 -14.72 4.86
CA ILE D 112 11.51 -15.21 4.54
C ILE D 112 12.22 -15.82 5.74
N HIS D 113 11.45 -16.45 6.63
CA HIS D 113 12.00 -17.10 7.80
C HIS D 113 12.87 -18.28 7.41
N GLY D 114 14.18 -18.16 7.63
CA GLY D 114 15.12 -19.21 7.31
C GLY D 114 15.14 -19.55 5.84
N ARG D 115 15.80 -18.71 5.04
CA ARG D 115 15.84 -18.90 3.59
C ARG D 115 17.00 -18.15 2.93
N ASP D 116 17.34 -18.57 1.72
CA ASP D 116 18.45 -18.00 0.97
C ASP D 116 18.11 -16.62 0.43
N VAL D 117 18.61 -15.58 1.10
CA VAL D 117 18.30 -14.21 0.71
C VAL D 117 19.53 -13.43 0.23
N LEU D 118 19.42 -12.89 -0.98
CA LEU D 118 20.48 -12.06 -1.56
C LEU D 118 19.92 -10.71 -1.99
N ILE D 119 20.27 -9.65 -1.27
CA ILE D 119 19.84 -8.31 -1.64
C ILE D 119 20.56 -7.83 -2.89
N VAL D 120 19.79 -7.35 -3.86
CA VAL D 120 20.37 -6.87 -5.11
C VAL D 120 20.10 -5.38 -5.30
N GLU D 121 21.17 -4.57 -5.23
CA GLU D 121 21.03 -3.12 -5.33
C GLU D 121 21.68 -2.61 -6.63
N ASP D 122 21.47 -1.33 -6.93
CA ASP D 122 22.00 -0.72 -8.16
C ASP D 122 23.15 0.23 -7.89
N VAL D 123 22.95 1.16 -6.95
CA VAL D 123 24.00 2.12 -6.58
C VAL D 123 24.14 2.21 -5.06
N VAL D 124 25.35 2.49 -4.60
CA VAL D 124 25.61 2.66 -3.17
C VAL D 124 26.46 3.89 -2.89
N ASP D 125 25.84 4.96 -2.38
CA ASP D 125 26.59 6.12 -1.93
C ASP D 125 26.77 6.08 -0.42
N SER D 126 26.61 7.23 0.24
CA SER D 126 26.61 7.28 1.69
C SER D 126 25.18 7.14 2.21
N GLY D 127 24.31 6.58 1.37
CA GLY D 127 22.91 6.41 1.70
C GLY D 127 22.63 5.10 2.41
N LEU D 128 21.84 5.21 3.47
CA LEU D 128 21.58 4.08 4.33
C LEU D 128 20.12 3.67 4.13
N THR D 129 19.77 3.44 2.88
CA THR D 129 18.47 2.88 2.52
C THR D 129 18.72 1.38 2.43
N LEU D 130 19.99 1.03 2.30
CA LEU D 130 20.42 -0.35 2.17
C LEU D 130 20.32 -1.17 3.47
N SER D 131 20.83 -0.69 4.60
CA SER D 131 20.81 -1.56 5.77
C SER D 131 19.51 -1.42 6.52
N TRP D 132 18.82 -0.30 6.33
CA TRP D 132 17.46 -0.18 6.86
C TRP D 132 16.72 -1.41 6.39
N LEU D 133 16.95 -1.77 5.13
CA LEU D 133 16.41 -2.97 4.54
C LEU D 133 17.01 -4.22 5.16
N SER D 134 18.34 -4.25 5.27
CA SER D 134 19.00 -5.43 5.83
C SER D 134 18.59 -5.63 7.28
N ARG D 135 18.48 -4.54 8.04
CA ARG D 135 17.95 -4.61 9.39
C ARG D 135 16.49 -5.06 9.35
N ASN D 136 15.73 -4.51 8.41
CA ASN D 136 14.32 -4.85 8.24
C ASN D 136 14.15 -6.30 7.79
N LEU D 137 15.17 -6.84 7.13
CA LEU D 137 15.14 -8.22 6.67
C LEU D 137 15.77 -9.16 7.71
N THR D 138 16.75 -8.65 8.46
CA THR D 138 17.38 -9.43 9.51
C THR D 138 16.37 -9.76 10.61
N SER D 139 15.51 -8.79 10.91
CA SER D 139 14.50 -8.94 11.94
C SER D 139 13.50 -10.05 11.59
N ARG D 140 13.39 -10.35 10.30
CA ARG D 140 12.50 -11.42 9.85
C ARG D 140 13.21 -12.77 9.92
N ASN D 141 14.47 -12.72 10.34
CA ASN D 141 15.29 -13.90 10.58
C ASN D 141 15.36 -14.87 9.40
N PRO D 142 16.13 -14.50 8.37
CA PRO D 142 16.42 -15.45 7.28
C PRO D 142 17.64 -16.27 7.64
N ARG D 143 17.95 -17.31 6.86
CA ARG D 143 19.13 -18.10 7.10
C ARG D 143 20.39 -17.27 6.81
N SER D 144 20.53 -16.84 5.56
CA SER D 144 21.69 -16.07 5.15
C SER D 144 21.28 -14.74 4.50
N LEU D 145 21.95 -13.67 4.89
CA LEU D 145 21.78 -12.38 4.23
C LEU D 145 23.08 -11.98 3.55
N ARG D 146 22.97 -11.49 2.32
CA ARG D 146 24.11 -10.96 1.59
C ARG D 146 23.64 -9.91 0.60
N VAL D 147 24.38 -8.81 0.51
CA VAL D 147 24.03 -7.73 -0.41
C VAL D 147 24.80 -7.92 -1.72
N CYS D 148 24.38 -7.21 -2.76
CA CYS D 148 25.06 -7.24 -4.05
C CYS D 148 24.67 -6.04 -4.90
N THR D 149 25.68 -5.28 -5.34
CA THR D 149 25.45 -4.09 -6.15
C THR D 149 26.10 -4.25 -7.52
N LEU D 150 25.62 -3.48 -8.50
CA LEU D 150 26.26 -3.43 -9.80
C LEU D 150 27.40 -2.41 -9.77
N LEU D 151 27.12 -1.25 -9.19
CA LEU D 151 28.10 -0.17 -9.15
C LEU D 151 28.20 0.47 -7.77
N ARG D 152 29.38 0.36 -7.15
CA ARG D 152 29.62 0.96 -5.84
C ARG D 152 30.29 2.33 -5.98
N LYS D 153 30.27 3.11 -4.91
CA LYS D 153 30.82 4.45 -4.92
C LYS D 153 31.69 4.69 -3.69
N PRO D 154 32.57 5.71 -3.74
CA PRO D 154 33.45 6.00 -2.60
C PRO D 154 32.71 6.41 -1.33
N ASP D 155 31.87 5.52 -0.81
CA ASP D 155 31.16 5.75 0.44
C ASP D 155 30.67 4.42 1.02
N ALA D 156 31.12 4.11 2.23
CA ALA D 156 30.73 2.88 2.90
C ALA D 156 30.88 2.99 4.42
N ASN D 160 28.64 0.41 5.77
CA ASN D 160 27.86 0.23 6.99
C ASN D 160 27.17 -1.13 7.05
N VAL D 161 27.27 -1.88 5.95
CA VAL D 161 26.73 -3.24 5.90
C VAL D 161 27.76 -4.19 5.30
N GLU D 162 27.45 -5.48 5.32
CA GLU D 162 28.32 -6.47 4.72
C GLU D 162 28.16 -6.53 3.21
N ILE D 163 28.79 -5.60 2.52
CA ILE D 163 28.77 -5.59 1.05
C ILE D 163 29.70 -6.69 0.53
N ALA D 164 29.12 -7.73 -0.06
CA ALA D 164 29.88 -8.90 -0.47
C ALA D 164 30.41 -8.81 -1.89
N TYR D 165 29.52 -8.99 -2.86
CA TYR D 165 29.92 -9.03 -4.26
C TYR D 165 29.76 -7.66 -4.94
N VAL D 166 30.88 -6.98 -5.15
CA VAL D 166 30.86 -5.69 -5.83
C VAL D 166 31.09 -5.86 -7.33
N GLY D 167 30.27 -5.19 -8.13
CA GLY D 167 30.39 -5.28 -9.57
C GLY D 167 31.40 -4.31 -10.15
N PHE D 168 31.08 -3.02 -10.10
CA PHE D 168 31.97 -1.98 -10.63
C PHE D 168 32.24 -0.90 -9.59
N ASP D 169 33.49 -0.45 -9.52
CA ASP D 169 33.87 0.64 -8.63
C ASP D 169 33.95 1.96 -9.40
N ILE D 170 32.91 2.78 -9.29
CA ILE D 170 32.87 4.04 -10.01
C ILE D 170 33.13 5.21 -9.07
N PRO D 171 33.66 6.33 -9.62
CA PRO D 171 33.87 7.53 -8.81
C PRO D 171 32.56 8.18 -8.39
N ASN D 172 32.63 9.30 -7.69
CA ASN D 172 31.43 9.97 -7.19
C ASN D 172 30.72 10.78 -8.27
N ASP D 173 30.80 10.30 -9.51
CA ASP D 173 30.24 11.02 -10.65
C ASP D 173 28.75 10.78 -10.83
N PHE D 174 28.19 11.38 -11.88
CA PHE D 174 26.81 11.12 -12.29
C PHE D 174 26.71 9.72 -12.87
N VAL D 175 25.61 9.02 -12.58
CA VAL D 175 25.40 7.70 -13.14
C VAL D 175 23.95 7.52 -13.61
N VAL D 176 23.78 7.15 -14.87
CA VAL D 176 22.46 6.85 -15.45
C VAL D 176 22.59 5.73 -16.48
N GLY D 177 21.50 5.01 -16.70
CA GLY D 177 21.51 3.94 -17.69
C GLY D 177 21.45 2.57 -17.06
N TYR D 178 20.91 1.61 -17.80
CA TYR D 178 20.74 0.24 -17.34
C TYR D 178 19.98 0.17 -16.02
N GLY D 179 18.76 0.72 -16.04
CA GLY D 179 17.91 0.71 -14.86
C GLY D 179 17.96 2.03 -14.12
N LEU D 180 19.14 2.65 -14.10
CA LEU D 180 19.32 3.94 -13.43
C LEU D 180 18.60 5.04 -14.18
N ASP D 181 18.33 6.15 -13.51
CA ASP D 181 17.48 7.18 -14.08
C ASP D 181 17.83 8.62 -13.70
N TYR D 182 17.24 9.57 -14.40
CA TYR D 182 17.20 10.96 -13.95
C TYR D 182 15.85 11.54 -14.22
N ASP D 183 15.06 11.76 -13.19
CA ASP D 183 13.64 11.99 -13.37
C ASP D 183 13.18 10.98 -14.41
N GLU D 184 13.04 9.75 -13.95
CA GLU D 184 12.19 8.79 -14.60
C GLU D 184 12.91 8.12 -15.79
N ARG D 185 13.48 8.89 -16.74
CA ARG D 185 14.11 8.32 -17.97
C ARG D 185 15.54 7.70 -17.92
N TYR D 186 16.12 7.40 -19.09
CA TYR D 186 17.46 6.77 -19.21
C TYR D 186 17.50 5.37 -18.61
N ARG D 187 16.33 4.78 -18.43
CA ARG D 187 16.23 3.46 -17.82
C ARG D 187 16.39 2.34 -18.85
N ASP D 188 15.90 2.60 -20.07
CA ASP D 188 15.87 1.57 -21.10
C ASP D 188 17.20 1.37 -21.81
N LEU D 189 18.22 2.13 -21.40
CA LEU D 189 19.53 2.04 -22.02
C LEU D 189 20.26 0.75 -21.65
N SER D 190 20.89 0.12 -22.63
CA SER D 190 21.64 -1.12 -22.40
C SER D 190 23.01 -0.82 -21.82
N TYR D 191 23.41 0.44 -21.88
CA TYR D 191 24.69 0.88 -21.33
C TYR D 191 24.48 1.87 -20.21
N ILE D 192 25.59 2.37 -19.65
CA ILE D 192 25.54 3.37 -18.59
C ILE D 192 26.41 4.57 -18.95
N GLY D 193 25.77 5.72 -19.14
CA GLY D 193 26.46 6.94 -19.51
C GLY D 193 26.50 7.96 -18.38
N THR D 194 27.23 9.05 -18.61
CA THR D 194 27.37 10.10 -17.61
C THR D 194 26.69 11.38 -18.05
N LEU D 195 25.71 11.84 -17.26
CA LEU D 195 25.07 13.12 -17.53
C LEU D 195 26.01 14.29 -17.24
N ASP D 196 25.71 15.44 -17.83
CA ASP D 196 26.53 16.63 -17.68
C ASP D 196 25.62 17.79 -17.29
N PRO D 197 25.88 18.42 -16.14
CA PRO D 197 24.99 19.50 -15.67
C PRO D 197 25.21 20.80 -16.43
P1 POP E . -6.46 15.65 3.53
O1 POP E . -7.84 16.13 3.14
O2 POP E . -5.75 16.71 4.33
O3 POP E . -5.66 15.35 2.27
O POP E . -6.59 14.30 4.39
P2 POP E . -7.19 14.32 5.88
O4 POP E . -8.54 15.01 5.87
O5 POP E . -6.25 15.06 6.80
O6 POP E . -7.37 12.90 6.36
P 5GP F . -5.63 21.59 -0.16
O1P 5GP F . -7.06 22.02 -0.41
O2P 5GP F . -4.64 22.74 -0.17
O3P 5GP F . -5.19 20.38 -0.94
O5' 5GP F . -5.61 21.08 1.34
C5' 5GP F . -6.75 21.22 2.19
C4' 5GP F . -7.56 19.94 2.20
O4' 5GP F . -8.25 19.82 3.48
C3' 5GP F . -8.66 19.83 1.16
O3' 5GP F . -8.19 19.38 -0.09
C2' 5GP F . -9.67 18.90 1.81
O2' 5GP F . -9.26 17.55 1.69
C1' 5GP F . -9.55 19.31 3.29
N9 5GP F . -10.50 20.37 3.65
C8 5GP F . -11.43 20.96 2.89
N7 5GP F . -12.06 21.90 3.64
C5 5GP F . -11.51 21.89 4.87
C6 5GP F . -11.72 22.62 6.04
O6 5GP F . -12.60 23.50 6.08
N1 5GP F . -10.97 22.37 7.10
C2 5GP F . -10.01 21.42 7.08
N2 5GP F . -9.25 21.18 8.18
N3 5GP F . -9.77 20.71 5.96
C4 5GP F . -10.52 20.93 4.86
MG MG G . -11.97 13.82 3.45
MG MG H . -6.60 18.09 6.30
P1 POP I . -8.24 -9.30 12.93
O1 POP I . -9.47 -9.60 12.10
O2 POP I . -7.05 -9.94 12.25
O3 POP I . -8.43 -9.88 14.30
O POP I . -8.02 -7.71 13.03
P2 POP I . -9.23 -6.65 13.21
O4 POP I . -9.54 -6.52 14.67
O5 POP I . -10.47 -7.12 12.49
O6 POP I . -8.81 -5.30 12.67
P 5GP J . -7.08 -15.64 14.41
O1P 5GP J . -5.66 -16.12 14.55
O2P 5GP J . -7.32 -14.77 13.20
O3P 5GP J . -8.13 -16.69 14.65
O5' 5GP J . -7.27 -14.62 15.63
C5' 5GP J . -6.28 -13.64 15.92
C4' 5GP J . -6.81 -12.24 15.73
O4' 5GP J . -8.06 -12.10 16.45
C3' 5GP J . -5.90 -11.11 16.21
O3' 5GP J . -6.05 -9.98 15.36
C2' 5GP J . -6.47 -10.80 17.59
O2' 5GP J . -6.20 -9.49 18.04
C1' 5GP J . -7.96 -11.03 17.38
N9 5GP J . -8.66 -11.43 18.60
C8 5GP J . -8.12 -12.09 19.64
N7 5GP J . -9.08 -12.30 20.57
C5 5GP J . -10.23 -11.77 20.11
C6 5GP J . -11.52 -11.69 20.62
O6 5GP J . -11.78 -12.17 21.74
N1 5GP J . -12.48 -11.08 19.91
C2 5GP J . -12.21 -10.56 18.70
N2 5GP J . -13.20 -9.95 18.00
N3 5GP J . -10.96 -10.63 18.17
C4 5GP J . -9.96 -11.23 18.86
MG MG K . -6.09 -5.10 16.76
MG MG L . -11.24 -9.37 13.45
P1 POP M . 2.15 -13.90 -11.23
O1 POP M . 3.44 -13.51 -10.55
O2 POP M . 2.24 -15.30 -11.76
O3 POP M . 1.87 -12.96 -12.37
O POP M . 0.95 -13.81 -10.15
P2 POP M . -0.48 -14.42 -10.53
O4 POP M . -0.87 -13.87 -11.88
O5 POP M . -1.50 -14.04 -9.49
O6 POP M . -0.38 -15.92 -10.61
P 5GP N . -6.41 -17.93 -11.95
O1P 5GP N . -6.38 -18.68 -13.25
O2P 5GP N . -6.50 -16.44 -12.09
O3P 5GP N . -7.36 -18.50 -10.91
O5' 5GP N . -4.96 -18.17 -11.33
C5' 5GP N . -3.90 -18.67 -12.14
C4' 5GP N . -2.98 -17.57 -12.59
O4' 5GP N . -1.90 -18.14 -13.37
C3' 5GP N . -3.58 -16.53 -13.51
O3' 5GP N . -4.31 -15.54 -12.81
C2' 5GP N . -2.37 -15.99 -14.26
O2' 5GP N . -1.69 -15.00 -13.50
C1' 5GP N . -1.47 -17.22 -14.36
N9 5GP N . -1.55 -17.88 -15.67
C8 5GP N . -2.59 -17.83 -16.54
N7 5GP N . -2.28 -18.56 -17.63
C5 5GP N . -1.04 -19.06 -17.45
C6 5GP N . -0.21 -19.87 -18.22
O6 5GP N . -0.59 -20.28 -19.34
N1 5GP N . 1.00 -20.21 -17.74
C2 5GP N . 1.41 -19.78 -16.54
N2 5GP N . 2.63 -20.14 -16.09
N3 5GP N . 0.62 -19.00 -15.78
C4 5GP N . -0.60 -18.63 -16.21
MG MG O . 1.72 -17.39 -11.28
MG MG P . -0.87 -12.07 -15.94
P1 POP Q . 14.87 4.46 -8.21
O1 POP Q . 15.66 5.25 -9.23
O2 POP Q . 15.72 3.30 -7.71
O3 POP Q . 13.61 3.92 -8.84
O POP Q . 14.49 5.42 -6.98
P2 POP Q . 15.56 6.46 -6.36
O4 POP Q . 16.05 7.37 -7.47
O5 POP Q . 16.73 5.70 -5.79
O6 POP Q . 14.90 7.28 -5.29
P 5GP R . 16.26 11.19 -5.61
O1P 5GP R . 16.89 12.41 -6.26
O2P 5GP R . 14.88 10.85 -6.12
O3P 5GP R . 16.40 11.13 -4.11
O5' 5GP R . 17.16 9.98 -6.11
C5' 5GP R . 18.54 9.92 -5.77
C4' 5GP R . 18.87 8.61 -5.10
O4' 5GP R . 19.30 7.65 -6.11
C3' 5GP R . 20.02 8.64 -4.10
O3' 5GP R . 19.61 9.08 -2.81
C2' 5GP R . 20.52 7.21 -4.13
O2' 5GP R . 19.66 6.36 -3.38
C1' 5GP R . 20.37 6.87 -5.61
N9 5GP R . 21.58 7.24 -6.37
C8 5GP R . 22.79 7.46 -5.85
N7 5GP R . 23.64 7.78 -6.86
C5 5GP R . 22.94 7.74 -8.01
C6 5GP R . 23.28 7.97 -9.33
O6 5GP R . 24.45 8.27 -9.64
N1 5GP R . 22.34 7.86 -10.28
C2 5GP R . 21.07 7.53 -9.97
N2 5GP R . 20.15 7.43 -10.94
N3 5GP R . 20.72 7.31 -8.68
C4 5GP R . 21.64 7.40 -7.69
MG MG S . 16.78 7.36 -9.38
MG MG T . 18.26 1.55 -5.54
#